data_4BTH
#
_entry.id   4BTH
#
_cell.length_a   121.353
_cell.length_b   167.133
_cell.length_c   94.443
_cell.angle_alpha   90.00
_cell.angle_beta   90.00
_cell.angle_gamma   90.00
#
_symmetry.space_group_name_H-M   'C 2 2 21'
#
loop_
_entity.id
_entity.type
_entity.pdbx_description
1 polymer 'ACYL-HOMOSERINE LACTONE ACYLASE PVDQ SUBUNIT ALPHA'
2 polymer 'ACYL-HOMOSERINE LACTONE ACYLASE PVDQ SUBUNIT BETA'
3 non-polymer GLYCEROL
4 water water
#
loop_
_entity_poly.entity_id
_entity_poly.type
_entity_poly.pdbx_seq_one_letter_code
_entity_poly.pdbx_strand_id
1 'polypeptide(L)'
;DMPRPTGLAADIRWTAYGVPHIRAKDERGLGYGIGYAYARDNACLLAEEIVTARGERARYFGSEGKSSAELDNLPSDIFY
AWLNQPEALQAFWQAQTPAVRQLLEGYAAGFNRFLREADGKTTSCLGQPWLRAIATDDLLRLTRRWLVEGGVGQFADALV
AAAPPGAEKV
;
A
2 'polypeptide(L)'
;SNAIAVGSERSADGKGMLLANPHYPWNGAMRFYQMHLTIPGRLDVMGASLPGLPVVNIGFSRHLAWTHTVDTSSHFTLYR
LALDPKDPRRYLVDGRSLPLEEKSVAIEVRGADGKLSRVEHKVYQSIYGPLVVWPGKLDWNRSEAYALRDANLENTRVLQ
QWYSINQASDVADLRRRVEALQGIPWVNTLAADEQGNALYMNQSVVPYLKPELIPACAIPQLVAEGLPALQGQDSRCAWS
RDPAAAQAGITPAAQLPVLLRRDFVQNSNDSAWLTNPASPLQGFSPLVSQEKPIGPRARYALSRLQGKQPLEAKTLEEMV
TANHVFSADQVLPDLLRLCRDNQGEKSLARACAALAQWDRGANLDSGSGFVYFQRFMQRFAELDGAWKEPFDAQRPLDTP
QGIALDRPQVATQVRQALADAAAEVEKSGIPDGARWGDLQVSTRGQERIAIPGGDGHFGVYNAIQSVRKGDHLEVVGGTS
YIQLVTFPEEGPKARGLLAFSQSSDPRSPHYRDQTELFSRQQWQTLPFSDRQIDADPQLQRLSIRE
;
B
#
loop_
_chem_comp.id
_chem_comp.type
_chem_comp.name
_chem_comp.formula
GOL non-polymer GLYCEROL 'C3 H8 O3'
#
# COMPACT_ATOMS: atom_id res chain seq x y z
N THR A 6 -13.68 6.68 -33.33
CA THR A 6 -14.56 5.48 -33.12
C THR A 6 -13.79 4.24 -32.69
N GLY A 7 -14.54 3.17 -32.41
CA GLY A 7 -14.07 2.09 -31.56
C GLY A 7 -14.40 2.49 -30.13
N LEU A 8 -14.82 3.73 -29.95
CA LEU A 8 -15.10 4.23 -28.62
C LEU A 8 -16.59 4.12 -28.36
N ALA A 9 -16.97 3.00 -27.75
CA ALA A 9 -18.35 2.75 -27.35
C ALA A 9 -18.32 1.89 -26.10
N ALA A 10 -19.11 2.27 -25.09
CA ALA A 10 -19.22 1.46 -23.89
C ALA A 10 -20.64 1.50 -23.35
N ASP A 11 -21.03 0.41 -22.71
CA ASP A 11 -22.24 0.37 -21.94
C ASP A 11 -21.90 0.34 -20.46
N ILE A 12 -22.48 1.27 -19.69
CA ILE A 12 -22.19 1.37 -18.27
C ILE A 12 -23.49 1.19 -17.48
N ARG A 13 -23.44 0.29 -16.51
CA ARG A 13 -24.51 0.16 -15.51
C ARG A 13 -23.93 0.52 -14.15
N TRP A 14 -24.64 1.34 -13.36
CA TRP A 14 -24.25 1.59 -11.97
C TRP A 14 -25.23 0.91 -11.01
N THR A 15 -24.68 0.24 -10.02
CA THR A 15 -25.48 -0.35 -8.94
C THR A 15 -25.37 0.57 -7.71
N ALA A 16 -25.92 0.14 -6.59
CA ALA A 16 -25.91 0.96 -5.38
C ALA A 16 -24.50 1.48 -5.05
N TYR A 17 -24.43 2.70 -4.50
CA TYR A 17 -23.15 3.28 -4.06
C TYR A 17 -22.29 3.78 -5.23
N GLY A 18 -22.87 3.81 -6.43
CA GLY A 18 -22.18 4.30 -7.61
C GLY A 18 -21.08 3.40 -8.15
N VAL A 19 -21.23 2.09 -7.95
CA VAL A 19 -20.27 1.10 -8.50
C VAL A 19 -20.59 0.86 -9.99
N PRO A 20 -19.64 1.21 -10.90
CA PRO A 20 -19.88 1.01 -12.33
C PRO A 20 -19.54 -0.40 -12.84
N HIS A 21 -20.33 -0.84 -13.81
CA HIS A 21 -20.16 -2.11 -14.46
C HIS A 21 -20.05 -1.78 -15.95
N ILE A 22 -18.85 -1.90 -16.48
CA ILE A 22 -18.56 -1.45 -17.82
C ILE A 22 -18.52 -2.68 -18.76
N ARG A 23 -19.30 -2.62 -19.84
CA ARG A 23 -19.30 -3.66 -20.89
C ARG A 23 -18.87 -3.07 -22.24
N ALA A 24 -17.94 -3.73 -22.91
CA ALA A 24 -17.50 -3.29 -24.24
C ALA A 24 -17.03 -4.49 -25.07
N LYS A 25 -16.87 -4.29 -26.37
CA LYS A 25 -16.44 -5.40 -27.23
C LYS A 25 -14.93 -5.50 -27.41
N ASP A 26 -14.20 -4.50 -26.91
CA ASP A 26 -12.75 -4.47 -27.00
C ASP A 26 -12.17 -3.54 -25.94
N GLU A 27 -10.84 -3.51 -25.87
CA GLU A 27 -10.14 -2.77 -24.80
C GLU A 27 -10.33 -1.25 -24.92
N ARG A 28 -10.37 -0.77 -26.16
CA ARG A 28 -10.58 0.65 -26.41
C ARG A 28 -11.94 1.12 -25.85
N GLY A 29 -13.01 0.39 -26.18
CA GLY A 29 -14.34 0.64 -25.59
C GLY A 29 -14.35 0.47 -24.08
N LEU A 30 -13.68 -0.56 -23.59
CA LEU A 30 -13.64 -0.81 -22.15
C LEU A 30 -13.02 0.39 -21.41
N GLY A 31 -11.86 0.84 -21.90
CA GLY A 31 -11.19 2.02 -21.34
C GLY A 31 -12.07 3.25 -21.37
N TYR A 32 -12.77 3.44 -22.50
CA TYR A 32 -13.70 4.55 -22.67
C TYR A 32 -14.70 4.60 -21.52
N GLY A 33 -15.31 3.46 -21.22
CA GLY A 33 -16.25 3.38 -20.10
C GLY A 33 -15.61 3.65 -18.74
N ILE A 34 -14.46 3.01 -18.48
CA ILE A 34 -13.76 3.25 -17.20
C ILE A 34 -13.43 4.73 -16.98
N GLY A 35 -12.82 5.36 -17.98
CA GLY A 35 -12.38 6.76 -17.84
C GLY A 35 -13.56 7.70 -17.60
N TYR A 36 -14.66 7.45 -18.30
CA TYR A 36 -15.87 8.26 -18.12
C TYR A 36 -16.47 8.06 -16.72
N ALA A 37 -16.64 6.80 -16.30
CA ALA A 37 -17.20 6.52 -14.96
C ALA A 37 -16.30 7.10 -13.86
N TYR A 38 -14.98 6.93 -14.02
CA TYR A 38 -14.06 7.41 -12.98
C TYR A 38 -14.09 8.94 -12.86
N ALA A 39 -14.14 9.62 -14.00
CA ALA A 39 -14.21 11.08 -14.03
C ALA A 39 -15.47 11.59 -13.32
N ARG A 40 -16.59 10.88 -13.50
CA ARG A 40 -17.86 11.32 -12.87
C ARG A 40 -17.69 11.44 -11.35
N ASP A 41 -16.93 10.52 -10.78
CA ASP A 41 -16.69 10.44 -9.32
C ASP A 41 -15.44 11.19 -8.86
N ASN A 42 -14.42 11.25 -9.73
CA ASN A 42 -13.11 11.64 -9.24
C ASN A 42 -12.26 12.50 -10.18
N ALA A 43 -12.91 13.29 -11.05
CA ALA A 43 -12.19 14.13 -12.02
C ALA A 43 -11.12 15.01 -11.32
N CYS A 44 -11.51 15.71 -10.25
CA CYS A 44 -10.58 16.62 -9.58
C CYS A 44 -9.35 15.89 -9.00
N LEU A 45 -9.58 14.72 -8.40
CA LEU A 45 -8.51 13.89 -7.81
C LEU A 45 -7.50 13.53 -8.92
N LEU A 46 -8.00 12.99 -10.04
CA LEU A 46 -7.09 12.57 -11.11
C LEU A 46 -6.34 13.75 -11.69
N ALA A 47 -7.04 14.87 -11.87
CA ALA A 47 -6.42 16.08 -12.39
C ALA A 47 -5.27 16.54 -11.49
N GLU A 48 -5.53 16.62 -10.18
CA GLU A 48 -4.50 16.96 -9.20
C GLU A 48 -3.28 16.02 -9.25
N GLU A 49 -3.54 14.71 -9.27
CA GLU A 49 -2.46 13.72 -9.22
C GLU A 49 -1.65 13.71 -10.52
N ILE A 50 -2.31 14.06 -11.62
CA ILE A 50 -1.62 14.20 -12.89
C ILE A 50 -0.70 15.43 -12.85
N VAL A 51 -1.18 16.54 -12.26
CA VAL A 51 -0.30 17.71 -12.07
C VAL A 51 0.97 17.29 -11.33
N THR A 52 0.80 16.50 -10.27
CA THR A 52 1.92 15.99 -9.46
C THR A 52 2.87 15.15 -10.32
N ALA A 53 2.31 14.21 -11.08
CA ALA A 53 3.13 13.26 -11.86
C ALA A 53 3.81 13.92 -13.04
N ARG A 54 3.26 15.07 -13.45
CA ARG A 54 3.86 15.91 -14.50
C ARG A 54 4.96 16.84 -13.96
N GLY A 55 5.07 16.95 -12.64
CA GLY A 55 6.01 17.91 -12.03
C GLY A 55 5.64 19.37 -12.24
N GLU A 56 4.35 19.68 -12.14
CA GLU A 56 3.83 21.03 -12.35
C GLU A 56 3.13 21.60 -11.12
N ARG A 57 3.34 21.01 -9.93
CA ARG A 57 2.72 21.55 -8.70
C ARG A 57 3.15 22.98 -8.41
N ALA A 58 4.46 23.26 -8.45
CA ALA A 58 4.91 24.66 -8.22
C ALA A 58 4.34 25.68 -9.22
N ARG A 59 4.14 25.23 -10.46
CA ARG A 59 3.57 26.07 -11.53
C ARG A 59 2.14 26.54 -11.22
N TYR A 60 1.30 25.63 -10.74
CA TYR A 60 -0.08 25.95 -10.40
C TYR A 60 -0.26 26.44 -8.96
N PHE A 61 0.55 25.91 -8.03
CA PHE A 61 0.29 26.12 -6.59
C PHE A 61 1.40 26.81 -5.80
N GLY A 62 2.55 27.06 -6.42
CA GLY A 62 3.61 27.78 -5.72
C GLY A 62 4.46 26.84 -4.89
N SER A 63 5.52 27.40 -4.29
CA SER A 63 6.49 26.56 -3.60
C SER A 63 6.10 26.21 -2.16
N GLU A 64 5.13 26.95 -1.59
CA GLU A 64 4.71 26.72 -0.20
C GLU A 64 3.88 25.46 0.04
N GLY A 65 3.20 24.96 -0.97
CA GLY A 65 2.35 23.80 -0.81
C GLY A 65 3.02 22.43 -0.89
N LYS A 66 2.20 21.39 -0.70
CA LYS A 66 2.68 20.01 -0.73
C LYS A 66 1.78 19.19 -1.65
N SER A 67 2.27 18.04 -2.09
CA SER A 67 1.44 17.07 -2.82
C SER A 67 0.61 16.28 -1.81
N SER A 68 -0.27 15.40 -2.30
CA SER A 68 -1.05 14.52 -1.42
C SER A 68 -0.16 13.43 -0.77
N ALA A 69 1.05 13.25 -1.30
CA ALA A 69 2.06 12.38 -0.65
C ALA A 69 2.85 13.13 0.45
N GLU A 70 2.47 14.39 0.68
CA GLU A 70 3.11 15.27 1.68
C GLU A 70 4.57 15.66 1.35
N LEU A 71 4.92 15.61 0.07
CA LEU A 71 6.19 16.17 -0.43
C LEU A 71 6.02 17.65 -0.78
N ASP A 72 7.01 18.48 -0.41
CA ASP A 72 7.05 19.89 -0.86
C ASP A 72 6.89 19.94 -2.39
N ASN A 73 6.13 20.92 -2.88
CA ASN A 73 5.86 21.06 -4.31
C ASN A 73 7.10 21.08 -5.22
N LEU A 74 8.12 21.83 -4.85
CA LEU A 74 9.29 21.94 -5.74
C LEU A 74 10.13 20.65 -5.80
N PRO A 75 10.52 20.10 -4.63
CA PRO A 75 11.20 18.79 -4.65
C PRO A 75 10.36 17.69 -5.33
N SER A 76 9.05 17.68 -5.08
CA SER A 76 8.17 16.73 -5.78
C SER A 76 8.28 16.92 -7.31
N ASP A 77 8.16 18.16 -7.76
CA ASP A 77 8.27 18.47 -9.18
C ASP A 77 9.60 18.04 -9.81
N ILE A 78 10.69 18.34 -9.11
CA ILE A 78 12.03 17.94 -9.61
C ILE A 78 12.07 16.42 -9.78
N PHE A 79 11.56 15.70 -8.78
CA PHE A 79 11.57 14.25 -8.82
C PHE A 79 10.74 13.71 -10.00
N TYR A 80 9.53 14.22 -10.17
CA TYR A 80 8.68 13.72 -11.26
C TYR A 80 9.13 14.16 -12.64
N ALA A 81 9.68 15.38 -12.74
CA ALA A 81 10.32 15.82 -13.99
C ALA A 81 11.47 14.87 -14.36
N TRP A 82 12.25 14.45 -13.36
CA TRP A 82 13.32 13.48 -13.58
C TRP A 82 12.77 12.10 -13.94
N LEU A 83 11.77 11.64 -13.19
CA LEU A 83 11.23 10.28 -13.39
C LEU A 83 10.55 10.15 -14.75
N ASN A 84 9.76 11.16 -15.08
CA ASN A 84 8.89 11.13 -16.24
C ASN A 84 9.37 12.00 -17.42
N GLN A 85 10.68 11.96 -17.66
CA GLN A 85 11.29 12.56 -18.86
C GLN A 85 10.71 12.00 -20.13
N PRO A 86 10.69 12.80 -21.21
CA PRO A 86 10.08 12.36 -22.46
C PRO A 86 10.64 11.03 -22.97
N GLU A 87 11.95 10.84 -22.86
CA GLU A 87 12.58 9.60 -23.33
C GLU A 87 12.09 8.38 -22.56
N ALA A 88 11.96 8.52 -21.24
CA ALA A 88 11.44 7.44 -20.41
C ALA A 88 9.98 7.08 -20.73
N LEU A 89 9.11 8.09 -20.91
CA LEU A 89 7.71 7.82 -21.28
C LEU A 89 7.59 7.15 -22.64
N GLN A 90 8.43 7.56 -23.60
CA GLN A 90 8.37 6.99 -24.95
C GLN A 90 8.81 5.52 -24.94
N ALA A 91 9.90 5.22 -24.25
CA ALA A 91 10.35 3.82 -24.11
C ALA A 91 9.27 2.96 -23.42
N PHE A 92 8.64 3.51 -22.39
CA PHE A 92 7.57 2.78 -21.68
C PHE A 92 6.40 2.49 -22.62
N TRP A 93 5.95 3.52 -23.34
CA TRP A 93 4.87 3.36 -24.31
C TRP A 93 5.22 2.31 -25.38
N GLN A 94 6.45 2.36 -25.87
CA GLN A 94 6.89 1.48 -26.93
C GLN A 94 6.84 0.00 -26.52
N ALA A 95 7.10 -0.25 -25.24
CA ALA A 95 7.08 -1.59 -24.65
C ALA A 95 5.66 -2.15 -24.37
N GLN A 96 4.62 -1.32 -24.50
CA GLN A 96 3.26 -1.76 -24.16
C GLN A 96 2.63 -2.58 -25.29
N THR A 97 1.91 -3.64 -24.90
CA THR A 97 1.14 -4.43 -25.87
C THR A 97 0.01 -3.60 -26.49
N PRO A 98 -0.46 -3.99 -27.68
CA PRO A 98 -1.63 -3.36 -28.31
C PRO A 98 -2.84 -3.28 -27.37
N ALA A 99 -3.13 -4.36 -26.61
CA ALA A 99 -4.26 -4.34 -25.66
C ALA A 99 -4.15 -3.25 -24.60
N VAL A 100 -2.95 -3.07 -24.02
CA VAL A 100 -2.75 -2.07 -22.97
C VAL A 100 -2.80 -0.66 -23.56
N ARG A 101 -2.19 -0.47 -24.72
CA ARG A 101 -2.25 0.82 -25.41
C ARG A 101 -3.71 1.25 -25.63
N GLN A 102 -4.52 0.29 -26.06
CA GLN A 102 -5.95 0.51 -26.34
C GLN A 102 -6.72 0.87 -25.06
N LEU A 103 -6.47 0.14 -23.97
CA LEU A 103 -7.13 0.45 -22.69
C LEU A 103 -6.86 1.90 -22.29
N LEU A 104 -5.59 2.32 -22.43
CA LEU A 104 -5.16 3.65 -22.03
C LEU A 104 -5.73 4.72 -22.96
N GLU A 105 -5.68 4.45 -24.26
CA GLU A 105 -6.30 5.34 -25.24
C GLU A 105 -7.77 5.56 -24.93
N GLY A 106 -8.50 4.48 -24.67
CA GLY A 106 -9.94 4.58 -24.42
C GLY A 106 -10.15 5.35 -23.12
N TYR A 107 -9.36 5.02 -22.09
CA TYR A 107 -9.46 5.69 -20.79
C TYR A 107 -9.35 7.20 -20.93
N ALA A 108 -8.31 7.67 -21.63
CA ALA A 108 -8.11 9.10 -21.83
C ALA A 108 -9.29 9.75 -22.56
N ALA A 109 -9.81 9.07 -23.59
CA ALA A 109 -10.98 9.60 -24.31
C ALA A 109 -12.25 9.68 -23.43
N GLY A 110 -12.47 8.68 -22.58
CA GLY A 110 -13.64 8.63 -21.70
C GLY A 110 -13.63 9.68 -20.63
N PHE A 111 -12.47 9.86 -20.00
CA PHE A 111 -12.25 10.93 -19.04
C PHE A 111 -12.52 12.30 -19.67
N ASN A 112 -11.96 12.53 -20.86
CA ASN A 112 -12.09 13.81 -21.57
C ASN A 112 -13.51 14.08 -22.02
N ARG A 113 -14.22 13.03 -22.39
CA ARG A 113 -15.64 13.16 -22.73
C ARG A 113 -16.41 13.69 -21.51
N PHE A 114 -16.19 13.10 -20.34
CA PHE A 114 -16.87 13.63 -19.14
C PHE A 114 -16.54 15.11 -18.91
N LEU A 115 -15.26 15.47 -19.07
CA LEU A 115 -14.83 16.87 -18.88
C LEU A 115 -15.52 17.84 -19.81
N ARG A 116 -15.71 17.45 -21.08
CA ARG A 116 -16.45 18.29 -22.05
C ARG A 116 -17.87 18.57 -21.61
N GLU A 117 -18.49 17.61 -20.95
CA GLU A 117 -19.91 17.68 -20.57
C GLU A 117 -20.17 18.16 -19.14
N ALA A 118 -19.12 18.23 -18.32
CA ALA A 118 -19.29 18.49 -16.89
C ALA A 118 -19.90 19.86 -16.61
N ASP A 119 -20.90 19.89 -15.73
CA ASP A 119 -21.55 21.15 -15.39
C ASP A 119 -21.41 21.49 -13.90
N GLY A 120 -20.60 20.71 -13.19
CA GLY A 120 -20.37 20.93 -11.76
C GLY A 120 -21.19 20.03 -10.84
N LYS A 121 -22.13 19.29 -11.40
CA LYS A 121 -22.99 18.40 -10.61
C LYS A 121 -22.20 17.46 -9.66
N THR A 122 -21.08 16.94 -10.13
CA THR A 122 -20.26 16.07 -9.28
C THR A 122 -18.77 16.46 -9.35
N THR A 123 -18.49 17.70 -9.73
CA THR A 123 -17.13 18.17 -9.98
C THR A 123 -16.95 19.54 -9.33
N SER A 124 -16.18 19.55 -8.24
CA SER A 124 -16.02 20.78 -7.43
C SER A 124 -15.00 21.78 -7.98
N CYS A 125 -14.19 21.34 -8.92
CA CYS A 125 -13.05 22.13 -9.40
C CYS A 125 -13.26 22.65 -10.81
N LEU A 126 -14.49 22.57 -11.29
CA LEU A 126 -14.85 23.15 -12.58
C LEU A 126 -14.29 24.58 -12.67
N GLY A 127 -13.61 24.89 -13.77
CA GLY A 127 -13.07 26.24 -13.99
C GLY A 127 -11.60 26.43 -13.58
N GLN A 128 -11.06 25.49 -12.80
CA GLN A 128 -9.64 25.55 -12.44
C GLN A 128 -8.76 25.27 -13.67
N PRO A 129 -7.65 26.04 -13.84
CA PRO A 129 -6.77 25.85 -15.00
C PRO A 129 -6.11 24.46 -15.07
N TRP A 130 -5.94 23.80 -13.91
CA TRP A 130 -5.32 22.46 -13.85
C TRP A 130 -6.33 21.32 -14.15
N LEU A 131 -7.62 21.65 -14.24
CA LEU A 131 -8.62 20.68 -14.68
C LEU A 131 -8.69 20.72 -16.20
N ARG A 132 -8.04 19.76 -16.85
CA ARG A 132 -7.94 19.81 -18.31
C ARG A 132 -7.89 18.44 -18.96
N ALA A 133 -8.05 18.42 -20.27
CA ALA A 133 -7.98 17.18 -21.05
C ALA A 133 -6.66 16.45 -20.81
N ILE A 134 -6.76 15.13 -20.66
CA ILE A 134 -5.58 14.32 -20.36
C ILE A 134 -5.14 13.53 -21.59
N ALA A 135 -3.89 13.06 -21.55
CA ALA A 135 -3.34 12.30 -22.66
C ALA A 135 -2.91 10.94 -22.16
N THR A 136 -2.70 9.99 -23.06
CA THR A 136 -2.15 8.71 -22.65
C THR A 136 -0.82 8.90 -21.89
N ASP A 137 0.00 9.88 -22.29
CA ASP A 137 1.27 10.13 -21.54
C ASP A 137 1.00 10.43 -20.06
N ASP A 138 -0.11 11.12 -19.77
CA ASP A 138 -0.47 11.41 -18.37
C ASP A 138 -0.75 10.12 -17.61
N LEU A 139 -1.41 9.15 -18.27
CA LEU A 139 -1.65 7.88 -17.62
C LEU A 139 -0.35 7.13 -17.38
N LEU A 140 0.57 7.21 -18.34
CA LEU A 140 1.90 6.63 -18.14
C LEU A 140 2.63 7.27 -16.96
N ARG A 141 2.49 8.58 -16.80
CA ARG A 141 3.14 9.31 -15.69
C ARG A 141 2.65 8.77 -14.35
N LEU A 142 1.33 8.58 -14.24
CA LEU A 142 0.72 8.01 -13.05
C LEU A 142 1.18 6.58 -12.79
N THR A 143 1.17 5.75 -13.83
CA THR A 143 1.65 4.38 -13.71
C THR A 143 3.09 4.30 -13.15
N ARG A 144 3.99 5.12 -13.71
CA ARG A 144 5.40 5.07 -13.32
C ARG A 144 5.59 5.62 -11.91
N ARG A 145 4.78 6.60 -11.55
CA ARG A 145 4.78 7.13 -10.19
C ARG A 145 4.51 5.99 -9.19
N TRP A 146 3.50 5.19 -9.48
CA TRP A 146 3.09 4.07 -8.65
C TRP A 146 4.12 2.93 -8.68
N LEU A 147 4.64 2.68 -9.88
CA LEU A 147 5.66 1.65 -10.12
C LEU A 147 6.87 1.76 -9.18
N VAL A 148 7.32 2.98 -8.92
CA VAL A 148 8.53 3.21 -8.12
C VAL A 148 8.27 3.48 -6.62
N GLU A 149 7.03 3.29 -6.18
CA GLU A 149 6.71 3.48 -4.77
C GLU A 149 7.44 2.53 -3.81
N GLY A 150 7.87 1.38 -4.31
CA GLY A 150 8.69 0.46 -3.50
C GLY A 150 10.19 0.64 -3.69
N GLY A 151 10.56 1.70 -4.40
CA GLY A 151 11.96 1.90 -4.79
C GLY A 151 12.36 3.37 -4.69
N VAL A 152 12.78 3.95 -5.82
CA VAL A 152 13.32 5.32 -5.84
C VAL A 152 12.29 6.38 -5.40
N GLY A 153 11.00 6.12 -5.63
CA GLY A 153 9.94 7.06 -5.11
C GLY A 153 10.01 7.28 -3.59
N GLN A 154 10.50 6.28 -2.85
CA GLN A 154 10.68 6.44 -1.40
C GLN A 154 11.89 7.32 -1.05
N PHE A 155 12.74 7.61 -2.04
CA PHE A 155 13.94 8.43 -1.87
C PHE A 155 13.82 9.74 -2.66
N ALA A 156 12.59 10.16 -2.97
CA ALA A 156 12.39 11.39 -3.75
C ALA A 156 13.12 12.60 -3.14
N ASP A 157 12.91 12.85 -1.85
CA ASP A 157 13.59 13.95 -1.14
C ASP A 157 15.10 13.77 -1.16
N ALA A 158 15.57 12.53 -0.94
CA ALA A 158 17.00 12.18 -0.92
C ALA A 158 17.68 12.43 -2.27
N LEU A 159 16.99 12.10 -3.35
CA LEU A 159 17.48 12.36 -4.70
C LEU A 159 17.63 13.88 -4.95
N VAL A 160 16.60 14.63 -4.58
CA VAL A 160 16.62 16.08 -4.73
C VAL A 160 17.74 16.72 -3.88
N ALA A 161 17.96 16.18 -2.69
CA ALA A 161 19.02 16.68 -1.79
C ALA A 161 20.49 16.35 -2.18
N ALA A 162 20.70 15.46 -3.15
CA ALA A 162 22.05 14.97 -3.45
C ALA A 162 22.87 15.99 -4.25
N ALA A 163 23.80 16.68 -3.58
CA ALA A 163 24.70 17.65 -4.23
C ALA A 163 26.13 17.40 -3.75
N PRO A 164 27.12 17.59 -4.64
CA PRO A 164 28.51 17.28 -4.26
C PRO A 164 29.01 18.26 -3.20
N PRO A 165 30.02 17.83 -2.41
CA PRO A 165 30.55 18.69 -1.37
C PRO A 165 31.30 19.89 -1.97
N GLY A 166 31.44 20.94 -1.16
CA GLY A 166 32.29 22.08 -1.53
C GLY A 166 33.67 21.92 -0.93
N ALA A 167 34.21 23.02 -0.41
CA ALA A 167 35.59 23.05 0.10
C ALA A 167 35.69 22.88 1.63
N GLU A 168 34.72 22.17 2.22
CA GLU A 168 34.60 22.04 3.68
C GLU A 168 35.58 21.07 4.34
N LYS A 169 35.85 21.32 5.62
CA LYS A 169 36.48 20.34 6.51
C LYS A 169 35.39 19.59 7.32
N SER B 1 -1.70 -4.15 5.26
CA SER B 1 -2.72 -4.99 4.54
C SER B 1 -2.79 -6.40 5.15
N ASN B 2 -3.98 -6.98 5.16
CA ASN B 2 -4.18 -8.39 5.51
C ASN B 2 -4.76 -9.15 4.33
N ALA B 3 -4.41 -10.43 4.25
CA ALA B 3 -5.02 -11.34 3.29
C ALA B 3 -5.09 -12.75 3.89
N ILE B 4 -6.22 -13.43 3.70
CA ILE B 4 -6.39 -14.83 4.12
C ILE B 4 -7.04 -15.60 2.98
N ALA B 5 -6.40 -16.67 2.55
CA ALA B 5 -7.02 -17.60 1.58
C ALA B 5 -7.27 -18.92 2.27
N VAL B 6 -8.47 -19.46 2.09
CA VAL B 6 -8.89 -20.71 2.73
C VAL B 6 -9.21 -21.73 1.65
N GLY B 7 -8.72 -22.95 1.83
CA GLY B 7 -8.96 -24.02 0.85
C GLY B 7 -9.95 -25.09 1.27
N SER B 8 -10.07 -26.12 0.42
CA SER B 8 -11.09 -27.18 0.58
C SER B 8 -11.00 -27.94 1.89
N GLU B 9 -9.81 -28.04 2.47
CA GLU B 9 -9.62 -28.79 3.71
C GLU B 9 -10.08 -28.03 4.96
N ARG B 10 -10.32 -26.72 4.85
CA ARG B 10 -10.66 -25.93 6.04
C ARG B 10 -11.96 -25.13 5.94
N SER B 11 -12.45 -24.88 4.73
CA SER B 11 -13.67 -24.09 4.55
C SER B 11 -14.91 -24.91 4.91
N ALA B 12 -15.94 -24.23 5.41
CA ALA B 12 -17.19 -24.88 5.79
C ALA B 12 -17.93 -25.52 4.60
N ASP B 13 -17.66 -25.03 3.39
CA ASP B 13 -18.36 -25.52 2.19
C ASP B 13 -17.50 -26.44 1.31
N GLY B 14 -16.23 -26.61 1.68
CA GLY B 14 -15.29 -27.43 0.90
C GLY B 14 -14.74 -26.76 -0.35
N LYS B 15 -14.98 -25.45 -0.47
CA LYS B 15 -14.54 -24.69 -1.63
C LYS B 15 -13.63 -23.56 -1.17
N GLY B 16 -13.08 -22.81 -2.11
CA GLY B 16 -12.17 -21.73 -1.76
C GLY B 16 -12.86 -20.51 -1.17
N MET B 17 -12.09 -19.71 -0.45
CA MET B 17 -12.61 -18.51 0.18
C MET B 17 -11.44 -17.53 0.37
N LEU B 18 -11.69 -16.25 0.13
CA LEU B 18 -10.66 -15.20 0.26
C LEU B 18 -11.15 -13.97 1.01
N LEU B 19 -10.42 -13.59 2.06
CA LEU B 19 -10.61 -12.27 2.65
C LEU B 19 -9.50 -11.34 2.17
N ALA B 20 -9.92 -10.22 1.57
CA ALA B 20 -9.00 -9.19 1.12
C ALA B 20 -9.23 -7.95 1.97
N ASN B 21 -8.21 -7.55 2.74
CA ASN B 21 -8.28 -6.37 3.59
C ASN B 21 -7.03 -5.49 3.39
N PRO B 22 -6.82 -4.96 2.16
CA PRO B 22 -5.69 -4.05 1.92
C PRO B 22 -5.77 -2.78 2.77
N HIS B 23 -4.61 -2.30 3.23
CA HIS B 23 -4.53 -1.09 4.03
C HIS B 23 -3.85 0.01 3.18
N TYR B 24 -4.63 0.99 2.72
CA TYR B 24 -4.13 2.03 1.82
C TYR B 24 -4.60 3.43 2.23
N PRO B 25 -4.01 4.50 1.65
CA PRO B 25 -4.45 5.86 1.95
C PRO B 25 -5.94 6.09 1.62
N TRP B 26 -6.58 6.99 2.34
CA TRP B 26 -7.98 7.35 2.08
C TRP B 26 -8.14 8.50 1.09
N ASN B 27 -7.00 9.02 0.65
CA ASN B 27 -6.95 10.12 -0.32
C ASN B 27 -5.79 9.93 -1.28
N GLY B 28 -5.84 10.65 -2.40
CA GLY B 28 -4.68 10.83 -3.24
C GLY B 28 -4.55 9.77 -4.31
N ALA B 29 -3.33 9.60 -4.81
CA ALA B 29 -3.09 8.77 -5.99
C ALA B 29 -3.17 7.25 -5.75
N MET B 30 -3.28 6.83 -4.48
N MET B 30 -3.33 6.85 -4.48
CA MET B 30 -3.51 5.41 -4.18
CA MET B 30 -3.51 5.44 -4.12
C MET B 30 -4.88 5.15 -3.53
C MET B 30 -4.91 5.10 -3.62
N ARG B 31 -5.85 6.01 -3.83
CA ARG B 31 -7.22 5.83 -3.34
C ARG B 31 -7.95 4.81 -4.21
N PHE B 32 -8.33 3.66 -3.64
CA PHE B 32 -9.02 2.59 -4.40
C PHE B 32 -10.38 3.05 -4.95
N TYR B 33 -10.78 2.41 -6.05
CA TYR B 33 -12.05 2.71 -6.70
C TYR B 33 -12.65 1.40 -7.18
N GLN B 34 -13.92 1.16 -6.90
CA GLN B 34 -14.57 -0.09 -7.30
C GLN B 34 -15.03 -0.07 -8.75
N MET B 35 -14.86 -1.20 -9.45
CA MET B 35 -15.41 -1.32 -10.79
C MET B 35 -15.45 -2.76 -11.25
N HIS B 36 -16.36 -3.03 -12.19
CA HIS B 36 -16.55 -4.34 -12.77
C HIS B 36 -16.36 -4.16 -14.30
N LEU B 37 -15.50 -5.01 -14.88
CA LEU B 37 -15.12 -4.92 -16.28
C LEU B 37 -15.54 -6.18 -17.01
N THR B 38 -16.20 -6.01 -18.16
CA THR B 38 -16.60 -7.15 -18.99
C THR B 38 -16.39 -6.91 -20.50
N ILE B 39 -15.64 -7.81 -21.13
CA ILE B 39 -15.65 -7.94 -22.57
C ILE B 39 -16.25 -9.33 -22.80
N PRO B 40 -17.55 -9.40 -23.11
CA PRO B 40 -18.29 -10.66 -23.08
C PRO B 40 -17.59 -11.78 -23.85
N GLY B 41 -17.45 -12.93 -23.18
CA GLY B 41 -16.77 -14.07 -23.79
C GLY B 41 -15.30 -14.22 -23.40
N ARG B 42 -14.65 -13.17 -22.90
CA ARG B 42 -13.20 -13.27 -22.63
C ARG B 42 -12.64 -12.50 -21.43
N LEU B 43 -13.44 -11.61 -20.85
CA LEU B 43 -13.01 -10.86 -19.66
C LEU B 43 -14.23 -10.58 -18.81
N ASP B 44 -14.20 -10.97 -17.54
CA ASP B 44 -15.30 -10.64 -16.61
C ASP B 44 -14.77 -10.65 -15.19
N VAL B 45 -14.48 -9.45 -14.69
CA VAL B 45 -13.72 -9.33 -13.46
C VAL B 45 -14.22 -8.11 -12.70
N MET B 46 -14.22 -8.20 -11.38
CA MET B 46 -14.69 -7.11 -10.54
C MET B 46 -13.77 -6.94 -9.34
N GLY B 47 -13.59 -5.70 -8.89
CA GLY B 47 -12.83 -5.43 -7.68
C GLY B 47 -12.58 -3.95 -7.50
N ALA B 48 -11.34 -3.61 -7.18
CA ALA B 48 -10.94 -2.22 -7.02
C ALA B 48 -9.63 -1.96 -7.72
N SER B 49 -9.46 -0.71 -8.13
CA SER B 49 -8.29 -0.31 -8.90
C SER B 49 -7.80 1.04 -8.42
N LEU B 50 -6.63 1.43 -8.90
CA LEU B 50 -6.02 2.70 -8.50
C LEU B 50 -6.30 3.77 -9.54
N PRO B 51 -6.30 5.06 -9.11
CA PRO B 51 -6.56 6.19 -10.01
C PRO B 51 -5.73 6.15 -11.29
N GLY B 52 -6.42 6.14 -12.43
CA GLY B 52 -5.77 6.24 -13.74
C GLY B 52 -5.32 4.92 -14.35
N LEU B 53 -5.57 3.82 -13.64
CA LEU B 53 -5.15 2.46 -14.09
C LEU B 53 -6.35 1.64 -14.57
N PRO B 54 -6.46 1.40 -15.90
CA PRO B 54 -7.69 0.79 -16.41
C PRO B 54 -7.70 -0.74 -16.31
N VAL B 55 -7.23 -1.28 -15.18
CA VAL B 55 -7.31 -2.72 -14.88
C VAL B 55 -7.74 -2.89 -13.43
N VAL B 56 -8.21 -4.08 -13.05
CA VAL B 56 -8.62 -4.34 -11.65
C VAL B 56 -7.36 -4.81 -10.89
N ASN B 57 -7.09 -4.17 -9.75
N ASN B 57 -7.05 -4.17 -9.77
CA ASN B 57 -5.89 -4.42 -8.95
CA ASN B 57 -5.86 -4.54 -9.00
C ASN B 57 -6.09 -5.57 -7.95
C ASN B 57 -6.12 -5.65 -7.99
N ILE B 58 -7.23 -5.55 -7.27
CA ILE B 58 -7.65 -6.57 -6.31
C ILE B 58 -9.11 -6.91 -6.65
N GLY B 59 -9.42 -8.18 -6.85
CA GLY B 59 -10.77 -8.52 -7.27
C GLY B 59 -11.06 -9.99 -7.39
N PHE B 60 -12.03 -10.31 -8.24
CA PHE B 60 -12.49 -11.68 -8.37
C PHE B 60 -13.16 -11.87 -9.72
N SER B 61 -13.26 -13.13 -10.13
CA SER B 61 -13.95 -13.48 -11.36
C SER B 61 -14.78 -14.74 -11.05
N ARG B 62 -15.25 -15.43 -12.10
CA ARG B 62 -16.19 -16.55 -11.95
C ARG B 62 -15.69 -17.67 -11.01
N HIS B 63 -14.40 -18.03 -11.11
CA HIS B 63 -13.86 -19.12 -10.29
C HIS B 63 -12.68 -18.73 -9.38
N LEU B 64 -12.32 -17.45 -9.35
CA LEU B 64 -11.08 -17.00 -8.70
C LEU B 64 -11.24 -15.69 -7.94
N ALA B 65 -10.53 -15.56 -6.84
CA ALA B 65 -10.45 -14.29 -6.12
C ALA B 65 -9.00 -14.09 -5.72
N TRP B 66 -8.48 -12.87 -5.86
CA TRP B 66 -7.09 -12.61 -5.49
C TRP B 66 -6.95 -11.26 -4.78
N THR B 67 -5.89 -11.12 -4.00
CA THR B 67 -5.59 -9.83 -3.39
C THR B 67 -4.07 -9.70 -3.23
N HIS B 68 -3.64 -8.59 -2.68
CA HIS B 68 -2.21 -8.30 -2.52
C HIS B 68 -1.92 -7.69 -1.18
N THR B 69 -0.67 -7.85 -0.73
CA THR B 69 -0.17 -7.15 0.45
C THR B 69 1.25 -6.70 0.16
N VAL B 70 1.66 -5.57 0.74
CA VAL B 70 3.05 -5.14 0.60
C VAL B 70 4.02 -6.18 1.20
N ASP B 71 5.00 -6.59 0.41
CA ASP B 71 5.94 -7.62 0.84
C ASP B 71 7.14 -7.02 1.55
N THR B 72 8.01 -7.89 2.07
CA THR B 72 9.21 -7.46 2.76
C THR B 72 10.48 -7.61 1.92
N SER B 73 10.31 -7.99 0.65
CA SER B 73 11.44 -8.18 -0.26
C SER B 73 11.99 -6.81 -0.63
N SER B 74 13.26 -6.74 -1.00
CA SER B 74 13.83 -5.49 -1.49
C SER B 74 13.48 -5.34 -2.97
N HIS B 75 13.22 -4.11 -3.40
CA HIS B 75 12.90 -3.84 -4.80
C HIS B 75 13.86 -2.84 -5.42
N PHE B 76 14.96 -2.62 -4.71
CA PHE B 76 16.01 -1.73 -5.15
C PHE B 76 17.25 -2.14 -4.35
N THR B 77 18.40 -1.68 -4.81
CA THR B 77 19.58 -1.71 -3.93
C THR B 77 20.23 -0.35 -3.96
N LEU B 78 20.76 0.02 -2.80
CA LEU B 78 21.65 1.17 -2.67
C LEU B 78 23.06 0.70 -3.03
N TYR B 79 23.83 1.56 -3.69
CA TYR B 79 25.23 1.27 -3.91
C TYR B 79 26.12 2.33 -3.26
N ARG B 80 27.01 1.88 -2.36
CA ARG B 80 28.00 2.79 -1.81
C ARG B 80 29.09 3.01 -2.84
N LEU B 81 29.29 4.26 -3.24
CA LEU B 81 30.33 4.59 -4.22
C LEU B 81 31.62 4.90 -3.50
N ALA B 82 32.75 4.45 -4.05
CA ALA B 82 34.05 4.91 -3.62
C ALA B 82 34.44 6.05 -4.56
N LEU B 83 34.51 7.26 -4.03
CA LEU B 83 34.79 8.42 -4.85
C LEU B 83 36.27 8.49 -5.24
N ASP B 84 36.52 9.11 -6.40
CA ASP B 84 37.88 9.39 -6.86
C ASP B 84 38.53 10.34 -5.85
N PRO B 85 39.68 9.93 -5.27
CA PRO B 85 40.30 10.80 -4.27
C PRO B 85 40.64 12.20 -4.79
N LYS B 86 40.75 12.35 -6.12
CA LYS B 86 41.09 13.64 -6.73
C LYS B 86 39.88 14.47 -7.17
N ASP B 87 38.68 13.87 -7.14
CA ASP B 87 37.47 14.47 -7.71
C ASP B 87 36.16 13.82 -7.17
N PRO B 88 35.42 14.51 -6.29
CA PRO B 88 34.18 13.98 -5.67
C PRO B 88 32.99 13.85 -6.63
N ARG B 89 33.18 14.28 -7.88
CA ARG B 89 32.18 14.07 -8.93
C ARG B 89 32.58 12.89 -9.80
N ARG B 90 33.61 12.16 -9.37
CA ARG B 90 34.00 10.92 -10.02
C ARG B 90 34.05 9.77 -8.99
N TYR B 91 33.80 8.56 -9.45
CA TYR B 91 33.71 7.40 -8.59
C TYR B 91 34.45 6.20 -9.22
N LEU B 92 34.96 5.31 -8.38
CA LEU B 92 35.82 4.21 -8.83
C LEU B 92 35.07 2.88 -9.01
N VAL B 93 35.23 2.24 -10.16
CA VAL B 93 34.74 0.88 -10.35
C VAL B 93 35.93 0.04 -10.81
N ASP B 94 36.27 -0.99 -10.06
CA ASP B 94 37.50 -1.76 -10.31
C ASP B 94 38.73 -0.85 -10.47
N GLY B 95 38.79 0.15 -9.60
CA GLY B 95 39.92 1.08 -9.55
C GLY B 95 40.00 2.10 -10.67
N ARG B 96 39.00 2.09 -11.54
CA ARG B 96 38.97 3.01 -12.69
C ARG B 96 38.00 4.15 -12.40
N SER B 97 38.44 5.38 -12.61
CA SER B 97 37.64 6.54 -12.26
C SER B 97 36.65 6.90 -13.36
N LEU B 98 35.36 6.90 -13.01
CA LEU B 98 34.27 7.20 -13.95
C LEU B 98 33.59 8.51 -13.60
N PRO B 99 33.16 9.30 -14.61
CA PRO B 99 32.49 10.55 -14.29
C PRO B 99 31.00 10.34 -13.99
N LEU B 100 30.45 11.12 -13.07
CA LEU B 100 29.00 11.14 -12.88
C LEU B 100 28.35 11.84 -14.08
N GLU B 101 27.17 11.39 -14.46
CA GLU B 101 26.41 12.06 -15.50
C GLU B 101 25.57 13.13 -14.81
N GLU B 102 25.41 14.26 -15.48
CA GLU B 102 24.65 15.38 -14.95
C GLU B 102 23.41 15.60 -15.82
N LYS B 103 22.23 15.42 -15.25
CA LYS B 103 20.98 15.66 -15.99
C LYS B 103 20.23 16.82 -15.35
N SER B 104 20.01 17.88 -16.11
CA SER B 104 19.27 19.03 -15.58
C SER B 104 17.80 18.96 -15.93
N VAL B 105 16.95 19.23 -14.94
CA VAL B 105 15.52 19.42 -15.20
C VAL B 105 15.16 20.87 -14.91
N ALA B 106 14.18 21.40 -15.63
CA ALA B 106 13.76 22.78 -15.41
C ALA B 106 12.31 22.81 -14.95
N ILE B 107 12.05 23.53 -13.86
CA ILE B 107 10.72 23.60 -13.26
C ILE B 107 10.21 25.05 -13.23
N GLU B 108 8.96 25.27 -13.60
CA GLU B 108 8.36 26.60 -13.46
C GLU B 108 7.74 26.76 -12.08
N VAL B 109 7.97 27.91 -11.46
CA VAL B 109 7.49 28.17 -10.12
C VAL B 109 6.65 29.46 -10.09
N ARG B 110 5.43 29.37 -9.54
CA ARG B 110 4.54 30.52 -9.40
C ARG B 110 4.88 31.27 -8.13
N GLY B 111 5.27 32.55 -8.27
CA GLY B 111 5.66 33.38 -7.14
C GLY B 111 4.47 34.08 -6.48
N ALA B 112 4.75 34.77 -5.37
CA ALA B 112 3.72 35.55 -4.64
C ALA B 112 2.99 36.51 -5.58
N ASP B 113 3.76 37.25 -6.36
CA ASP B 113 3.25 38.18 -7.37
C ASP B 113 2.45 37.50 -8.50
N GLY B 114 2.42 36.17 -8.50
CA GLY B 114 1.64 35.41 -9.49
C GLY B 114 2.35 35.10 -10.81
N LYS B 115 3.61 35.50 -10.94
CA LYS B 115 4.37 35.24 -12.16
C LYS B 115 5.32 34.03 -12.08
N LEU B 116 5.59 33.43 -13.23
CA LEU B 116 6.41 32.22 -13.30
C LEU B 116 7.89 32.51 -13.36
N SER B 117 8.66 31.81 -12.53
CA SER B 117 10.12 31.79 -12.59
C SER B 117 10.59 30.39 -12.96
N ARG B 118 11.69 30.30 -13.70
CA ARG B 118 12.26 29.00 -14.10
C ARG B 118 13.34 28.59 -13.10
N VAL B 119 13.21 27.41 -12.52
CA VAL B 119 14.25 26.85 -11.64
C VAL B 119 14.93 25.66 -12.31
N GLU B 120 16.26 25.68 -12.38
CA GLU B 120 17.00 24.54 -12.92
C GLU B 120 17.69 23.77 -11.82
N HIS B 121 17.64 22.45 -11.92
CA HIS B 121 18.18 21.59 -10.89
C HIS B 121 18.95 20.43 -11.52
N LYS B 122 20.17 20.20 -11.02
CA LYS B 122 21.01 19.10 -11.51
C LYS B 122 20.83 17.83 -10.70
N VAL B 123 20.56 16.73 -11.42
CA VAL B 123 20.47 15.40 -10.83
C VAL B 123 21.70 14.62 -11.29
N TYR B 124 22.52 14.22 -10.33
CA TYR B 124 23.73 13.45 -10.62
C TYR B 124 23.40 11.95 -10.68
N GLN B 125 23.94 11.27 -11.69
CA GLN B 125 23.64 9.86 -11.94
C GLN B 125 24.93 9.07 -12.13
N SER B 126 24.95 7.85 -11.59
CA SER B 126 26.04 6.89 -11.79
C SER B 126 25.52 5.81 -12.74
N ILE B 127 26.38 4.85 -13.09
CA ILE B 127 25.95 3.67 -13.87
C ILE B 127 24.82 2.89 -13.18
N TYR B 128 24.68 3.04 -11.86
CA TYR B 128 23.63 2.34 -11.10
C TYR B 128 22.29 3.10 -11.09
N GLY B 129 22.36 4.42 -11.26
CA GLY B 129 21.19 5.29 -11.06
C GLY B 129 21.56 6.56 -10.31
N PRO B 130 20.54 7.34 -9.88
CA PRO B 130 20.77 8.66 -9.30
C PRO B 130 21.40 8.58 -7.91
N LEU B 131 22.16 9.59 -7.56
CA LEU B 131 22.69 9.67 -6.20
C LEU B 131 21.59 10.12 -5.23
N VAL B 132 21.69 9.64 -3.99
CA VAL B 132 20.72 9.97 -2.94
C VAL B 132 21.47 10.36 -1.68
N VAL B 133 20.93 11.31 -0.92
CA VAL B 133 21.56 11.77 0.32
C VAL B 133 20.55 11.71 1.49
N TRP B 134 20.95 11.09 2.61
CA TRP B 134 20.25 11.18 3.90
C TRP B 134 21.25 11.80 4.89
N PRO B 135 21.09 13.11 5.19
CA PRO B 135 22.11 13.76 6.01
C PRO B 135 22.38 13.00 7.32
N GLY B 136 23.64 12.73 7.62
CA GLY B 136 24.00 12.03 8.84
C GLY B 136 24.03 10.51 8.70
N LYS B 137 23.59 9.99 7.56
CA LYS B 137 23.64 8.53 7.32
C LYS B 137 24.17 8.15 5.94
N LEU B 138 23.56 8.69 4.89
CA LEU B 138 24.04 8.46 3.53
C LEU B 138 24.46 9.81 2.98
N ASP B 139 25.67 10.22 3.31
CA ASP B 139 26.18 11.52 2.92
C ASP B 139 26.84 11.43 1.55
N TRP B 140 27.12 12.59 0.98
CA TRP B 140 27.99 12.67 -0.18
C TRP B 140 29.16 13.58 0.27
N ASN B 141 30.28 12.97 0.63
CA ASN B 141 31.45 13.73 1.08
C ASN B 141 32.58 13.54 0.07
N ARG B 142 33.84 13.65 0.51
CA ARG B 142 34.96 13.44 -0.41
C ARG B 142 35.40 11.99 -0.52
N SER B 143 34.82 11.11 0.30
CA SER B 143 35.20 9.69 0.32
C SER B 143 34.15 8.78 -0.31
N GLU B 144 32.88 9.10 -0.05
CA GLU B 144 31.81 8.21 -0.51
C GLU B 144 30.54 8.98 -0.86
N ALA B 145 29.70 8.32 -1.66
CA ALA B 145 28.34 8.72 -1.96
C ALA B 145 27.51 7.45 -2.16
N TYR B 146 26.20 7.62 -2.31
CA TYR B 146 25.29 6.49 -2.48
C TYR B 146 24.43 6.70 -3.69
N ALA B 147 24.35 5.67 -4.54
CA ALA B 147 23.45 5.70 -5.68
C ALA B 147 22.35 4.65 -5.46
N LEU B 148 21.24 4.80 -6.16
CA LEU B 148 20.10 3.89 -5.98
C LEU B 148 19.69 3.27 -7.30
N ARG B 149 19.71 1.94 -7.38
CA ARG B 149 19.20 1.23 -8.54
C ARG B 149 17.83 0.62 -8.23
N ASP B 150 16.80 1.12 -8.90
CA ASP B 150 15.42 0.68 -8.69
C ASP B 150 15.08 -0.38 -9.73
N ALA B 151 14.68 -1.56 -9.27
CA ALA B 151 14.44 -2.69 -10.18
C ALA B 151 13.20 -2.48 -11.05
N ASN B 152 12.24 -1.72 -10.53
CA ASN B 152 11.00 -1.47 -11.26
C ASN B 152 11.03 -0.40 -12.35
N LEU B 153 12.10 0.40 -12.40
CA LEU B 153 12.31 1.34 -13.52
C LEU B 153 12.36 0.62 -14.87
N GLU B 154 12.82 -0.62 -14.88
CA GLU B 154 12.83 -1.39 -16.11
C GLU B 154 11.60 -2.30 -16.28
N ASN B 155 10.70 -2.29 -15.30
CA ASN B 155 9.48 -3.11 -15.33
C ASN B 155 8.39 -2.45 -16.19
N THR B 156 8.48 -2.66 -17.51
CA THR B 156 7.48 -2.14 -18.43
C THR B 156 6.26 -3.07 -18.51
N ARG B 157 6.27 -4.13 -17.72
CA ARG B 157 5.28 -5.20 -17.81
C ARG B 157 4.11 -5.04 -16.82
N VAL B 158 4.15 -4.01 -15.99
CA VAL B 158 3.25 -3.86 -14.85
C VAL B 158 1.75 -3.86 -15.22
N LEU B 159 1.37 -3.08 -16.24
CA LEU B 159 -0.02 -3.01 -16.69
C LEU B 159 -0.47 -4.31 -17.36
N GLN B 160 0.38 -4.87 -18.21
CA GLN B 160 0.09 -6.15 -18.85
C GLN B 160 -0.13 -7.21 -17.78
N GLN B 161 0.67 -7.15 -16.72
CA GLN B 161 0.57 -8.11 -15.62
C GLN B 161 -0.80 -8.15 -14.97
N TRP B 162 -1.36 -6.99 -14.62
CA TRP B 162 -2.68 -6.98 -14.01
C TRP B 162 -3.78 -7.28 -15.01
N TYR B 163 -3.60 -6.83 -16.26
CA TYR B 163 -4.56 -7.21 -17.30
C TYR B 163 -4.57 -8.73 -17.43
N SER B 164 -3.39 -9.34 -17.41
CA SER B 164 -3.32 -10.81 -17.45
C SER B 164 -3.99 -11.47 -16.22
N ILE B 165 -3.71 -10.96 -15.02
CA ILE B 165 -4.36 -11.46 -13.80
C ILE B 165 -5.90 -11.39 -13.94
N ASN B 166 -6.38 -10.29 -14.51
CA ASN B 166 -7.81 -10.08 -14.72
C ASN B 166 -8.42 -11.15 -15.62
N GLN B 167 -7.59 -11.79 -16.43
CA GLN B 167 -8.06 -12.84 -17.34
C GLN B 167 -7.87 -14.25 -16.76
N ALA B 168 -7.25 -14.37 -15.59
CA ALA B 168 -6.94 -15.68 -15.00
C ALA B 168 -8.21 -16.47 -14.65
N SER B 169 -8.17 -17.78 -14.84
CA SER B 169 -9.34 -18.63 -14.59
C SER B 169 -9.38 -19.16 -13.14
N ASP B 170 -8.28 -19.73 -12.68
CA ASP B 170 -8.22 -20.36 -11.37
C ASP B 170 -6.83 -20.13 -10.80
N VAL B 171 -6.53 -20.74 -9.65
CA VAL B 171 -5.26 -20.46 -8.94
C VAL B 171 -4.04 -20.91 -9.75
N ALA B 172 -4.11 -22.08 -10.37
CA ALA B 172 -3.04 -22.58 -11.24
C ALA B 172 -2.75 -21.64 -12.42
N ASP B 173 -3.81 -21.15 -13.05
CA ASP B 173 -3.67 -20.21 -14.18
C ASP B 173 -3.08 -18.87 -13.71
N LEU B 174 -3.55 -18.40 -12.55
CA LEU B 174 -3.03 -17.16 -11.98
C LEU B 174 -1.52 -17.30 -11.73
N ARG B 175 -1.12 -18.43 -11.14
CA ARG B 175 0.30 -18.68 -10.85
C ARG B 175 1.15 -18.66 -12.13
N ARG B 176 0.69 -19.41 -13.15
CA ARG B 176 1.33 -19.41 -14.46
C ARG B 176 1.52 -18.01 -15.04
N ARG B 177 0.43 -17.23 -15.05
CA ARG B 177 0.43 -15.88 -15.63
C ARG B 177 1.38 -14.90 -14.94
N VAL B 178 1.49 -15.01 -13.62
CA VAL B 178 2.37 -14.13 -12.83
C VAL B 178 3.84 -14.58 -12.93
N GLU B 179 4.08 -15.89 -12.83
CA GLU B 179 5.44 -16.41 -12.97
C GLU B 179 6.00 -16.17 -14.38
N ALA B 180 5.14 -16.22 -15.39
CA ALA B 180 5.58 -16.04 -16.78
C ALA B 180 6.03 -14.62 -17.09
N LEU B 181 5.35 -13.64 -16.51
CA LEU B 181 5.60 -12.25 -16.87
C LEU B 181 6.44 -11.49 -15.83
N GLN B 182 6.31 -11.88 -14.56
CA GLN B 182 7.07 -11.25 -13.48
C GLN B 182 6.92 -9.72 -13.53
N GLY B 183 5.68 -9.25 -13.62
CA GLY B 183 5.41 -7.82 -13.72
C GLY B 183 4.89 -7.19 -12.45
N ILE B 184 4.79 -7.96 -11.37
CA ILE B 184 4.29 -7.41 -10.10
C ILE B 184 5.41 -6.63 -9.36
N PRO B 185 5.21 -5.32 -9.10
CA PRO B 185 6.36 -4.54 -8.57
C PRO B 185 6.80 -4.85 -7.15
N TRP B 186 5.88 -4.86 -6.17
CA TRP B 186 6.29 -4.84 -4.76
C TRP B 186 5.24 -5.39 -3.79
N VAL B 187 4.40 -6.31 -4.27
CA VAL B 187 3.40 -6.94 -3.40
C VAL B 187 3.42 -8.46 -3.51
N ASN B 188 2.99 -9.12 -2.43
CA ASN B 188 2.61 -10.52 -2.42
C ASN B 188 1.27 -10.63 -3.10
N THR B 189 0.93 -11.85 -3.49
CA THR B 189 -0.37 -12.17 -4.08
C THR B 189 -0.93 -13.37 -3.30
N LEU B 190 -2.17 -13.26 -2.86
CA LEU B 190 -2.85 -14.37 -2.22
C LEU B 190 -4.18 -14.59 -2.94
N ALA B 191 -4.56 -15.84 -3.14
CA ALA B 191 -5.74 -16.18 -3.95
C ALA B 191 -6.38 -17.48 -3.54
N ALA B 192 -7.66 -17.62 -3.86
CA ALA B 192 -8.38 -18.88 -3.67
C ALA B 192 -9.31 -19.08 -4.85
N ASP B 193 -9.54 -20.34 -5.21
CA ASP B 193 -10.45 -20.63 -6.31
C ASP B 193 -11.62 -21.52 -5.89
N GLU B 194 -12.60 -21.68 -6.79
CA GLU B 194 -13.76 -22.51 -6.49
C GLU B 194 -13.38 -23.97 -6.13
N GLN B 195 -12.36 -24.52 -6.78
CA GLN B 195 -11.95 -25.92 -6.50
C GLN B 195 -11.31 -26.09 -5.12
N GLY B 196 -11.05 -24.99 -4.42
CA GLY B 196 -10.57 -25.04 -3.04
C GLY B 196 -9.05 -25.00 -2.87
N ASN B 197 -8.35 -24.47 -3.86
CA ASN B 197 -6.92 -24.21 -3.75
C ASN B 197 -6.67 -22.86 -3.09
N ALA B 198 -5.69 -22.82 -2.18
CA ALA B 198 -5.24 -21.56 -1.58
C ALA B 198 -3.78 -21.28 -1.95
N LEU B 199 -3.53 -20.11 -2.52
CA LEU B 199 -2.22 -19.76 -3.07
C LEU B 199 -1.59 -18.55 -2.37
N TYR B 200 -0.31 -18.67 -2.03
CA TYR B 200 0.49 -17.51 -1.64
C TYR B 200 1.69 -17.41 -2.57
N MET B 201 1.94 -16.20 -3.08
CA MET B 201 3.10 -15.90 -3.93
C MET B 201 3.79 -14.63 -3.44
N ASN B 202 5.09 -14.76 -3.20
CA ASN B 202 5.98 -13.64 -2.97
C ASN B 202 6.64 -13.42 -4.34
N GLN B 203 5.81 -13.24 -5.38
CA GLN B 203 6.29 -13.14 -6.77
C GLN B 203 6.27 -11.70 -7.26
N SER B 204 7.40 -11.00 -7.10
CA SER B 204 7.52 -9.62 -7.48
C SER B 204 8.89 -9.41 -8.15
N VAL B 205 9.20 -8.15 -8.43
CA VAL B 205 10.45 -7.77 -9.10
C VAL B 205 11.49 -7.45 -8.02
N VAL B 206 12.46 -8.35 -7.88
CA VAL B 206 13.47 -8.31 -6.80
C VAL B 206 14.89 -8.42 -7.40
N PRO B 207 15.78 -7.45 -7.07
CA PRO B 207 17.17 -7.55 -7.54
C PRO B 207 17.77 -8.94 -7.25
N TYR B 208 18.50 -9.49 -8.21
CA TYR B 208 19.09 -10.83 -8.06
C TYR B 208 20.59 -10.73 -7.82
N LEU B 209 21.05 -11.36 -6.75
CA LEU B 209 22.47 -11.63 -6.54
C LEU B 209 22.64 -13.09 -6.18
N LYS B 210 23.48 -13.79 -6.94
CA LYS B 210 23.80 -15.18 -6.64
C LYS B 210 24.30 -15.32 -5.19
N PRO B 211 23.93 -16.42 -4.50
CA PRO B 211 24.28 -16.63 -3.09
C PRO B 211 25.74 -16.32 -2.75
N GLU B 212 26.67 -16.70 -3.63
CA GLU B 212 28.10 -16.57 -3.35
C GLU B 212 28.59 -15.12 -3.25
N LEU B 213 27.79 -14.18 -3.76
CA LEU B 213 28.22 -12.78 -3.83
C LEU B 213 27.75 -11.94 -2.64
N ILE B 214 26.68 -12.39 -1.99
CA ILE B 214 26.04 -11.65 -0.90
C ILE B 214 27.02 -11.28 0.24
N PRO B 215 27.77 -12.27 0.79
CA PRO B 215 28.73 -11.93 1.84
C PRO B 215 29.75 -10.83 1.45
N ALA B 216 30.30 -10.93 0.25
CA ALA B 216 31.30 -9.95 -0.18
C ALA B 216 30.67 -8.64 -0.64
N CYS B 217 29.47 -8.70 -1.23
CA CYS B 217 28.86 -7.51 -1.84
C CYS B 217 27.99 -6.64 -0.90
N ALA B 218 27.52 -7.22 0.21
CA ALA B 218 26.70 -6.46 1.18
C ALA B 218 27.53 -5.40 1.94
N ILE B 219 26.94 -4.26 2.26
CA ILE B 219 27.54 -3.34 3.24
C ILE B 219 27.02 -3.74 4.62
N PRO B 220 27.86 -4.39 5.45
CA PRO B 220 27.37 -5.09 6.65
C PRO B 220 26.58 -4.21 7.63
N GLN B 221 27.14 -3.07 8.00
CA GLN B 221 26.48 -2.11 8.90
C GLN B 221 25.11 -1.63 8.40
N LEU B 222 24.98 -1.41 7.10
CA LEU B 222 23.74 -0.89 6.52
C LEU B 222 22.68 -1.98 6.33
N VAL B 223 23.12 -3.16 5.94
CA VAL B 223 22.25 -4.34 5.84
C VAL B 223 21.70 -4.67 7.24
N ALA B 224 22.55 -4.59 8.26
CA ALA B 224 22.13 -4.80 9.65
C ALA B 224 21.05 -3.82 10.11
N GLU B 225 20.88 -2.73 9.39
CA GLU B 225 19.86 -1.72 9.69
C GLU B 225 18.70 -1.75 8.71
N GLY B 226 18.62 -2.84 7.93
CA GLY B 226 17.49 -3.07 7.02
C GLY B 226 17.57 -2.43 5.63
N LEU B 227 18.74 -1.91 5.27
CA LEU B 227 18.92 -1.32 3.95
C LEU B 227 19.63 -2.29 2.98
N PRO B 228 19.08 -2.49 1.77
CA PRO B 228 19.74 -3.36 0.77
C PRO B 228 20.92 -2.64 0.12
N ALA B 229 22.04 -2.56 0.82
CA ALA B 229 23.18 -1.77 0.40
C ALA B 229 24.30 -2.67 -0.11
N LEU B 230 24.84 -2.34 -1.28
CA LEU B 230 25.91 -3.11 -1.90
C LEU B 230 27.16 -2.27 -2.17
N GLN B 231 28.28 -2.96 -2.38
CA GLN B 231 29.54 -2.32 -2.71
C GLN B 231 29.54 -1.89 -4.17
N GLY B 232 29.46 -0.58 -4.40
CA GLY B 232 29.40 -0.06 -5.78
C GLY B 232 30.75 0.20 -6.45
N GLN B 233 31.85 -0.20 -5.81
CA GLN B 233 33.19 -0.01 -6.38
C GLN B 233 33.73 -1.30 -7.01
N ASP B 234 32.92 -2.35 -7.02
CA ASP B 234 33.34 -3.67 -7.51
C ASP B 234 32.33 -4.07 -8.57
N SER B 235 32.80 -4.28 -9.81
CA SER B 235 31.88 -4.67 -10.88
C SER B 235 31.20 -6.03 -10.65
N ARG B 236 31.78 -6.85 -9.79
CA ARG B 236 31.23 -8.18 -9.46
C ARG B 236 29.94 -8.08 -8.64
N CYS B 237 29.66 -6.90 -8.09
CA CYS B 237 28.47 -6.66 -7.30
C CYS B 237 27.28 -6.09 -8.10
N ALA B 238 27.42 -6.09 -9.43
CA ALA B 238 26.28 -5.80 -10.32
C ALA B 238 25.24 -6.91 -10.13
N TRP B 239 23.95 -6.60 -10.32
CA TRP B 239 22.91 -7.63 -10.20
C TRP B 239 23.20 -8.77 -11.19
N SER B 240 23.00 -10.00 -10.74
CA SER B 240 23.36 -11.17 -11.56
C SER B 240 22.32 -11.36 -12.65
N ARG B 241 22.75 -11.92 -13.78
CA ARG B 241 21.85 -12.18 -14.89
C ARG B 241 21.55 -13.67 -14.97
N ASP B 242 20.27 -13.97 -15.16
CA ASP B 242 19.84 -15.35 -15.29
C ASP B 242 18.82 -15.32 -16.43
N PRO B 243 19.06 -16.12 -17.49
CA PRO B 243 18.21 -16.13 -18.68
C PRO B 243 16.74 -16.45 -18.41
N ALA B 244 16.47 -17.18 -17.34
CA ALA B 244 15.09 -17.55 -16.97
C ALA B 244 14.27 -16.35 -16.47
N ALA B 245 14.94 -15.32 -15.95
CA ALA B 245 14.26 -14.12 -15.45
C ALA B 245 13.65 -13.30 -16.58
N ALA B 246 12.47 -12.73 -16.32
CA ALA B 246 11.75 -11.94 -17.34
C ALA B 246 12.44 -10.61 -17.65
N GLN B 247 13.34 -10.20 -16.76
CA GLN B 247 13.99 -8.90 -16.86
C GLN B 247 15.42 -9.10 -16.37
N ALA B 248 16.39 -8.53 -17.07
CA ALA B 248 17.80 -8.74 -16.72
C ALA B 248 18.15 -8.14 -15.35
N GLY B 249 18.67 -8.99 -14.46
CA GLY B 249 19.09 -8.52 -13.13
C GLY B 249 18.07 -8.77 -12.03
N ILE B 250 16.91 -9.31 -12.40
CA ILE B 250 15.89 -9.63 -11.38
C ILE B 250 15.90 -11.12 -11.06
N THR B 251 15.29 -11.47 -9.94
CA THR B 251 15.30 -12.85 -9.47
C THR B 251 14.34 -13.70 -10.32
N PRO B 252 14.82 -14.82 -10.88
CA PRO B 252 13.89 -15.70 -11.60
C PRO B 252 12.79 -16.25 -10.68
N ALA B 253 11.62 -16.51 -11.26
CA ALA B 253 10.43 -16.89 -10.51
C ALA B 253 10.57 -18.16 -9.65
N ALA B 254 11.33 -19.14 -10.15
CA ALA B 254 11.55 -20.39 -9.45
C ALA B 254 12.25 -20.20 -8.10
N GLN B 255 12.89 -19.05 -7.92
CA GLN B 255 13.65 -18.77 -6.71
C GLN B 255 12.88 -17.91 -5.70
N LEU B 256 11.65 -17.55 -6.04
CA LEU B 256 10.80 -16.74 -5.16
C LEU B 256 9.77 -17.62 -4.43
N PRO B 257 9.44 -17.28 -3.18
CA PRO B 257 8.55 -18.15 -2.36
C PRO B 257 7.13 -18.30 -2.92
N VAL B 258 6.68 -19.56 -3.00
CA VAL B 258 5.29 -19.87 -3.37
C VAL B 258 4.79 -21.00 -2.44
N LEU B 259 3.56 -20.86 -1.99
CA LEU B 259 2.91 -21.91 -1.22
C LEU B 259 1.53 -22.16 -1.79
N LEU B 260 1.29 -23.40 -2.17
CA LEU B 260 0.00 -23.82 -2.71
C LEU B 260 -0.55 -24.92 -1.81
N ARG B 261 -1.62 -24.59 -1.08
CA ARG B 261 -2.17 -25.50 -0.09
C ARG B 261 -3.67 -25.63 -0.23
N ARG B 262 -4.25 -26.54 0.53
CA ARG B 262 -5.70 -26.68 0.53
C ARG B 262 -6.30 -26.37 1.90
N ASP B 263 -5.46 -25.96 2.85
CA ASP B 263 -5.97 -25.48 4.14
C ASP B 263 -6.09 -23.94 4.24
N PHE B 264 -4.99 -23.23 4.48
CA PHE B 264 -4.97 -21.77 4.41
C PHE B 264 -3.58 -21.21 4.13
N VAL B 265 -3.55 -19.96 3.68
CA VAL B 265 -2.35 -19.12 3.67
C VAL B 265 -2.80 -17.74 4.15
N GLN B 266 -1.88 -17.03 4.81
CA GLN B 266 -2.18 -15.67 5.25
C GLN B 266 -0.95 -14.79 5.10
N ASN B 267 -1.16 -13.49 5.03
CA ASN B 267 -0.08 -12.53 5.16
C ASN B 267 -0.56 -11.20 5.72
N SER B 268 0.23 -10.62 6.63
CA SER B 268 -0.03 -9.29 7.16
C SER B 268 1.21 -8.40 7.11
N ASN B 269 1.89 -8.39 5.96
CA ASN B 269 3.11 -7.59 5.69
C ASN B 269 4.42 -8.11 6.28
N ASP B 270 4.40 -9.30 6.88
CA ASP B 270 5.67 -9.93 7.27
C ASP B 270 6.19 -10.70 6.07
N SER B 271 7.34 -11.36 6.23
CA SER B 271 7.95 -12.13 5.15
C SER B 271 7.16 -13.41 4.85
N ALA B 272 7.56 -14.12 3.80
CA ALA B 272 6.96 -15.40 3.43
C ALA B 272 7.00 -16.45 4.54
N TRP B 273 7.96 -16.31 5.46
CA TRP B 273 8.28 -17.36 6.44
C TRP B 273 7.08 -18.14 7.04
N LEU B 274 6.21 -17.45 7.77
CA LEU B 274 5.11 -18.11 8.49
C LEU B 274 3.74 -17.95 7.83
N THR B 275 3.74 -17.85 6.50
CA THR B 275 2.53 -17.84 5.68
C THR B 275 1.54 -18.94 6.13
N ASN B 276 2.04 -20.17 6.27
CA ASN B 276 1.37 -21.22 7.04
C ASN B 276 2.42 -21.94 7.87
N PRO B 277 2.34 -21.81 9.21
CA PRO B 277 3.34 -22.35 10.14
C PRO B 277 3.56 -23.85 10.01
N ALA B 278 2.58 -24.55 9.44
CA ALA B 278 2.71 -25.99 9.16
C ALA B 278 3.73 -26.30 8.06
N SER B 279 4.02 -25.29 7.23
CA SER B 279 4.95 -25.44 6.11
C SER B 279 5.81 -24.17 5.98
N PRO B 280 6.78 -23.97 6.89
CA PRO B 280 7.52 -22.70 6.88
C PRO B 280 8.31 -22.51 5.58
N LEU B 281 8.36 -21.27 5.09
CA LEU B 281 9.13 -20.94 3.91
C LEU B 281 10.48 -20.36 4.30
N GLN B 282 11.53 -21.09 3.95
CA GLN B 282 12.89 -20.81 4.42
C GLN B 282 13.90 -20.98 3.30
N GLY B 283 15.11 -20.47 3.51
CA GLY B 283 16.25 -20.72 2.62
C GLY B 283 16.33 -19.81 1.40
N PHE B 284 15.66 -18.65 1.47
CA PHE B 284 15.68 -17.67 0.40
C PHE B 284 16.76 -16.62 0.63
N SER B 285 17.10 -15.89 -0.43
CA SER B 285 18.01 -14.76 -0.33
C SER B 285 17.48 -13.77 0.72
N PRO B 286 18.39 -13.10 1.46
CA PRO B 286 17.92 -12.06 2.39
C PRO B 286 17.25 -10.87 1.68
N LEU B 287 17.52 -10.71 0.38
CA LEU B 287 16.83 -9.69 -0.45
C LEU B 287 15.36 -10.09 -0.70
N VAL B 288 15.04 -11.35 -0.43
CA VAL B 288 13.74 -11.92 -0.77
C VAL B 288 12.84 -12.14 0.46
N SER B 289 13.32 -12.93 1.42
CA SER B 289 12.55 -13.29 2.61
C SER B 289 13.47 -13.72 3.75
N GLN B 290 13.24 -13.16 4.94
CA GLN B 290 14.02 -13.52 6.13
C GLN B 290 13.10 -14.04 7.23
N GLU B 291 13.67 -14.83 8.13
CA GLU B 291 12.92 -15.39 9.26
C GLU B 291 12.92 -14.38 10.43
N LYS B 292 12.08 -13.36 10.31
CA LYS B 292 12.01 -12.26 11.27
C LYS B 292 10.72 -12.39 12.12
N PRO B 293 10.74 -11.93 13.39
CA PRO B 293 9.53 -12.07 14.21
C PRO B 293 8.32 -11.44 13.53
N ILE B 294 7.17 -12.12 13.57
CA ILE B 294 5.97 -11.61 12.88
C ILE B 294 5.31 -10.51 13.72
N GLY B 295 4.67 -9.57 13.03
CA GLY B 295 3.93 -8.48 13.66
C GLY B 295 2.66 -8.98 14.33
N PRO B 296 2.04 -8.13 15.17
CA PRO B 296 0.92 -8.65 15.96
C PRO B 296 -0.34 -8.94 15.11
N ARG B 297 -0.51 -8.27 13.97
CA ARG B 297 -1.63 -8.60 13.06
C ARG B 297 -1.56 -10.05 12.57
N ALA B 298 -0.40 -10.47 12.07
CA ALA B 298 -0.19 -11.87 11.68
C ALA B 298 -0.32 -12.85 12.85
N ARG B 299 0.26 -12.49 14.00
CA ARG B 299 0.16 -13.32 15.20
C ARG B 299 -1.32 -13.49 15.57
N TYR B 300 -2.08 -12.40 15.48
CA TYR B 300 -3.52 -12.47 15.69
C TYR B 300 -4.24 -13.42 14.72
N ALA B 301 -3.99 -13.26 13.42
CA ALA B 301 -4.65 -14.09 12.41
C ALA B 301 -4.34 -15.57 12.62
N LEU B 302 -3.07 -15.89 12.83
CA LEU B 302 -2.67 -17.27 13.04
C LEU B 302 -3.29 -17.88 14.30
N SER B 303 -3.48 -17.06 15.34
CA SER B 303 -4.15 -17.54 16.55
C SER B 303 -5.62 -17.92 16.32
N ARG B 304 -6.26 -17.28 15.33
CA ARG B 304 -7.65 -17.60 14.97
C ARG B 304 -7.74 -18.68 13.90
N LEU B 305 -6.67 -18.86 13.12
CA LEU B 305 -6.66 -19.79 11.99
C LEU B 305 -6.11 -21.18 12.28
N GLN B 306 -5.17 -21.28 13.22
CA GLN B 306 -4.57 -22.57 13.56
C GLN B 306 -5.61 -23.52 14.18
N GLY B 307 -5.52 -24.79 13.80
CA GLY B 307 -6.42 -25.81 14.34
C GLY B 307 -7.21 -26.54 13.27
N LYS B 308 -8.20 -27.31 13.70
CA LYS B 308 -8.93 -28.20 12.80
C LYS B 308 -10.33 -27.68 12.45
N GLN B 309 -10.79 -26.65 13.16
CA GLN B 309 -12.16 -26.19 13.00
C GLN B 309 -12.43 -25.52 11.66
N PRO B 310 -13.56 -25.87 11.01
CA PRO B 310 -13.98 -25.27 9.74
C PRO B 310 -14.08 -23.74 9.80
N LEU B 311 -13.64 -23.07 8.75
CA LEU B 311 -13.70 -21.63 8.69
C LEU B 311 -14.89 -21.17 7.86
N GLU B 312 -15.76 -20.38 8.49
CA GLU B 312 -16.90 -19.80 7.81
C GLU B 312 -16.58 -18.40 7.30
N ALA B 313 -17.36 -17.94 6.33
CA ALA B 313 -17.28 -16.56 5.84
C ALA B 313 -17.42 -15.59 7.01
N LYS B 314 -18.39 -15.86 7.88
CA LYS B 314 -18.63 -15.05 9.08
C LYS B 314 -17.39 -14.92 9.95
N THR B 315 -16.64 -16.02 10.09
CA THR B 315 -15.40 -16.01 10.89
C THR B 315 -14.42 -14.99 10.37
N LEU B 316 -14.17 -15.00 9.06
CA LEU B 316 -13.21 -14.08 8.46
C LEU B 316 -13.70 -12.65 8.55
N GLU B 317 -15.00 -12.44 8.35
CA GLU B 317 -15.59 -11.10 8.49
C GLU B 317 -15.37 -10.54 9.89
N GLU B 318 -15.62 -11.37 10.90
CA GLU B 318 -15.52 -10.97 12.30
C GLU B 318 -14.09 -10.72 12.78
N MET B 319 -13.12 -11.38 12.17
CA MET B 319 -11.71 -11.05 12.39
C MET B 319 -11.39 -9.58 12.10
N VAL B 320 -12.08 -8.99 11.12
CA VAL B 320 -11.95 -7.56 10.83
C VAL B 320 -12.84 -6.73 11.77
N THR B 321 -14.13 -7.06 11.84
CA THR B 321 -15.10 -6.21 12.52
C THR B 321 -15.08 -6.25 14.05
N ALA B 322 -14.40 -7.25 14.62
CA ALA B 322 -14.26 -7.32 16.07
C ALA B 322 -13.42 -6.17 16.64
N ASN B 323 -12.50 -5.64 15.82
CA ASN B 323 -11.61 -4.56 16.23
C ASN B 323 -10.81 -4.89 17.49
N HIS B 324 -10.33 -6.13 17.58
CA HIS B 324 -9.63 -6.56 18.76
C HIS B 324 -8.20 -6.02 18.74
N VAL B 325 -7.80 -5.36 19.83
CA VAL B 325 -6.45 -4.86 19.97
C VAL B 325 -5.56 -5.99 20.49
N PHE B 326 -5.07 -6.83 19.59
CA PHE B 326 -4.37 -8.07 19.97
C PHE B 326 -3.12 -7.86 20.85
N SER B 327 -2.43 -6.74 20.69
CA SER B 327 -1.24 -6.45 21.52
C SER B 327 -1.56 -6.33 23.02
N ALA B 328 -2.81 -6.02 23.35
CA ALA B 328 -3.24 -5.99 24.75
C ALA B 328 -3.12 -7.38 25.39
N ASP B 329 -3.36 -8.43 24.60
CA ASP B 329 -3.24 -9.82 25.06
C ASP B 329 -1.87 -10.13 25.66
N GLN B 330 -0.82 -9.51 25.11
CA GLN B 330 0.54 -9.80 25.57
C GLN B 330 0.98 -8.98 26.77
N VAL B 331 0.36 -7.82 26.98
CA VAL B 331 0.86 -6.91 28.03
C VAL B 331 -0.17 -6.48 29.07
N LEU B 332 -1.45 -6.42 28.69
CA LEU B 332 -2.49 -5.84 29.56
C LEU B 332 -2.76 -6.63 30.86
N PRO B 333 -2.72 -7.98 30.80
CA PRO B 333 -2.89 -8.73 32.05
C PRO B 333 -1.86 -8.31 33.12
N ASP B 334 -0.58 -8.29 32.74
CA ASP B 334 0.49 -7.90 33.66
C ASP B 334 0.43 -6.41 34.04
N LEU B 335 -0.02 -5.58 33.11
CA LEU B 335 -0.19 -4.15 33.39
C LEU B 335 -1.26 -3.90 34.46
N LEU B 336 -2.38 -4.62 34.37
CA LEU B 336 -3.46 -4.50 35.36
C LEU B 336 -3.03 -4.93 36.77
N ARG B 337 -2.13 -5.91 36.86
CA ARG B 337 -1.67 -6.35 38.17
C ARG B 337 -0.67 -5.37 38.79
N LEU B 338 0.09 -4.71 37.93
CA LEU B 338 0.91 -3.56 38.36
C LEU B 338 -0.02 -2.47 38.91
N CYS B 339 -1.11 -2.21 38.20
CA CYS B 339 -2.16 -1.29 38.65
C CYS B 339 -2.72 -1.63 40.05
N ARG B 340 -2.96 -2.92 40.30
CA ARG B 340 -3.49 -3.38 41.59
C ARG B 340 -2.45 -3.28 42.70
N ASP B 341 -1.17 -3.37 42.32
CA ASP B 341 -0.06 -3.23 43.28
C ASP B 341 0.17 -1.77 43.69
N ASN B 342 -0.35 -0.84 42.91
CA ASN B 342 -0.07 0.59 43.09
C ASN B 342 -1.33 1.45 43.26
N GLN B 343 -2.30 0.93 44.02
CA GLN B 343 -3.58 1.62 44.22
C GLN B 343 -3.47 2.87 45.10
N GLY B 344 -2.36 3.00 45.82
CA GLY B 344 -2.09 4.20 46.60
C GLY B 344 -1.50 5.34 45.78
N GLU B 345 -1.28 5.09 44.49
CA GLU B 345 -0.62 6.07 43.63
C GLU B 345 -1.64 6.96 42.89
N LYS B 346 -1.69 8.23 43.30
CA LYS B 346 -2.64 9.20 42.76
C LYS B 346 -2.51 9.40 41.24
N SER B 347 -1.28 9.40 40.74
CA SER B 347 -0.99 9.65 39.32
C SER B 347 -1.38 8.48 38.40
N LEU B 348 -1.73 7.34 38.99
CA LEU B 348 -2.03 6.13 38.22
C LEU B 348 -3.51 5.78 38.18
N ALA B 349 -4.29 6.37 39.09
CA ALA B 349 -5.69 5.98 39.32
C ALA B 349 -6.59 6.05 38.08
N ARG B 350 -6.56 7.17 37.37
CA ARG B 350 -7.40 7.36 36.18
C ARG B 350 -7.04 6.39 35.05
N ALA B 351 -5.74 6.19 34.84
CA ALA B 351 -5.24 5.25 33.83
C ALA B 351 -5.65 3.82 34.16
N CYS B 352 -5.40 3.41 35.39
CA CYS B 352 -5.70 2.06 35.85
C CYS B 352 -7.20 1.73 35.80
N ALA B 353 -8.05 2.68 36.19
CA ALA B 353 -9.51 2.54 36.05
C ALA B 353 -9.93 2.42 34.58
N ALA B 354 -9.39 3.28 33.72
CA ALA B 354 -9.76 3.27 32.31
C ALA B 354 -9.31 1.96 31.64
N LEU B 355 -8.12 1.48 32.01
CA LEU B 355 -7.59 0.23 31.46
C LEU B 355 -8.37 -1.01 31.92
N ALA B 356 -8.77 -1.03 33.19
CA ALA B 356 -9.55 -2.13 33.76
C ALA B 356 -10.96 -2.24 33.18
N GLN B 357 -11.55 -1.11 32.80
CA GLN B 357 -12.90 -1.04 32.25
C GLN B 357 -12.96 -1.29 30.75
N TRP B 358 -11.81 -1.20 30.10
CA TRP B 358 -11.71 -1.26 28.65
C TRP B 358 -12.05 -2.64 28.09
N ASP B 359 -12.78 -2.65 26.98
CA ASP B 359 -13.16 -3.91 26.31
C ASP B 359 -12.06 -4.53 25.43
N ARG B 360 -10.83 -4.03 25.52
CA ARG B 360 -9.68 -4.49 24.72
C ARG B 360 -9.90 -4.32 23.20
N GLY B 361 -10.78 -3.39 22.85
CA GLY B 361 -11.15 -3.15 21.45
C GLY B 361 -10.93 -1.73 20.94
N ALA B 362 -11.07 -1.60 19.63
CA ALA B 362 -11.03 -0.31 18.94
C ALA B 362 -12.39 -0.06 18.27
N ASN B 363 -13.45 -0.49 18.95
CA ASN B 363 -14.83 -0.23 18.53
C ASN B 363 -15.21 1.23 18.77
N LEU B 364 -16.29 1.66 18.14
CA LEU B 364 -16.83 3.00 18.35
C LEU B 364 -17.13 3.24 19.84
N ASP B 365 -17.60 2.19 20.51
CA ASP B 365 -18.00 2.26 21.91
C ASP B 365 -16.89 1.94 22.91
N SER B 366 -15.71 1.57 22.41
CA SER B 366 -14.57 1.28 23.29
C SER B 366 -14.19 2.50 24.12
N GLY B 367 -13.89 2.27 25.39
CA GLY B 367 -13.56 3.36 26.32
C GLY B 367 -12.16 3.92 26.16
N SER B 368 -11.89 4.99 26.92
CA SER B 368 -10.60 5.69 26.91
C SER B 368 -9.38 4.82 27.25
N GLY B 369 -9.62 3.64 27.82
CA GLY B 369 -8.57 2.64 28.02
C GLY B 369 -7.70 2.40 26.79
N PHE B 370 -8.31 2.42 25.59
CA PHE B 370 -7.55 2.28 24.33
C PHE B 370 -6.51 3.41 24.15
N VAL B 371 -6.90 4.63 24.49
CA VAL B 371 -5.99 5.79 24.35
C VAL B 371 -4.82 5.66 25.32
N TYR B 372 -5.15 5.33 26.57
CA TYR B 372 -4.14 5.11 27.61
C TYR B 372 -3.20 3.99 27.21
N PHE B 373 -3.77 2.93 26.64
CA PHE B 373 -2.97 1.79 26.19
C PHE B 373 -1.98 2.13 25.05
N GLN B 374 -2.44 2.91 24.08
CA GLN B 374 -1.60 3.37 22.97
C GLN B 374 -0.39 4.16 23.45
N ARG B 375 -0.62 5.13 24.32
CA ARG B 375 0.46 5.98 24.83
C ARG B 375 1.44 5.20 25.71
N PHE B 376 0.93 4.21 26.45
CA PHE B 376 1.80 3.35 27.25
C PHE B 376 2.70 2.52 26.33
N MET B 377 2.11 1.94 25.29
CA MET B 377 2.83 1.05 24.37
C MET B 377 3.92 1.75 23.57
N GLN B 378 3.72 3.04 23.28
CA GLN B 378 4.73 3.85 22.59
C GLN B 378 5.96 4.01 23.48
N ARG B 379 5.76 3.98 24.79
CA ARG B 379 6.86 4.07 25.76
C ARG B 379 7.43 2.70 26.11
N PHE B 380 6.55 1.71 26.27
CA PHE B 380 6.94 0.32 26.49
C PHE B 380 7.87 -0.17 25.39
N ALA B 381 7.59 0.23 24.15
CA ALA B 381 8.40 -0.12 22.98
C ALA B 381 9.86 0.32 23.09
N GLU B 382 10.13 1.32 23.93
CA GLU B 382 11.45 1.92 24.07
C GLU B 382 12.31 1.27 25.17
N LEU B 383 11.68 0.48 26.04
CA LEU B 383 12.38 -0.13 27.17
C LEU B 383 13.15 -1.38 26.77
N ASP B 384 14.26 -1.63 27.45
CA ASP B 384 15.13 -2.78 27.18
C ASP B 384 14.85 -3.95 28.09
N GLY B 385 14.61 -5.11 27.50
CA GLY B 385 14.41 -6.37 28.23
C GLY B 385 13.25 -6.35 29.21
N ALA B 386 12.13 -5.78 28.78
CA ALA B 386 10.92 -5.65 29.60
C ALA B 386 9.93 -6.81 29.43
N TRP B 387 10.13 -7.63 28.39
CA TRP B 387 9.31 -8.82 28.15
C TRP B 387 9.66 -9.93 29.15
N LYS B 388 8.65 -10.52 29.79
CA LYS B 388 8.85 -11.69 30.64
C LYS B 388 9.38 -12.85 29.79
N GLU B 389 8.70 -13.10 28.66
CA GLU B 389 9.15 -14.05 27.66
C GLU B 389 9.52 -13.26 26.41
N PRO B 390 10.83 -13.08 26.16
CA PRO B 390 11.28 -12.40 24.94
C PRO B 390 11.04 -13.27 23.70
N PHE B 391 11.19 -12.70 22.50
CA PHE B 391 11.00 -13.47 21.28
C PHE B 391 11.82 -14.75 21.29
N ASP B 392 11.15 -15.86 20.97
CA ASP B 392 11.75 -17.18 20.90
C ASP B 392 11.51 -17.69 19.48
N ALA B 393 12.59 -17.89 18.71
CA ALA B 393 12.47 -18.38 17.34
C ALA B 393 11.82 -19.76 17.27
N GLN B 394 11.99 -20.54 18.35
CA GLN B 394 11.36 -21.86 18.50
C GLN B 394 9.86 -21.76 18.76
N ARG B 395 9.40 -20.61 19.27
CA ARG B 395 7.98 -20.40 19.60
C ARG B 395 7.48 -19.09 18.96
N PRO B 396 7.55 -19.00 17.62
CA PRO B 396 7.38 -17.71 16.93
C PRO B 396 5.96 -17.16 16.96
N LEU B 397 5.00 -18.00 17.34
CA LEU B 397 3.58 -17.62 17.37
C LEU B 397 3.13 -17.15 18.75
N ASP B 398 3.92 -17.43 19.79
CA ASP B 398 3.52 -17.20 21.19
C ASP B 398 4.46 -16.28 21.99
N THR B 399 5.47 -15.73 21.34
CA THR B 399 6.40 -14.79 21.96
C THR B 399 6.58 -13.57 21.06
N PRO B 400 6.88 -12.38 21.66
CA PRO B 400 7.03 -12.07 23.08
C PRO B 400 5.70 -12.02 23.86
N GLN B 401 5.77 -12.20 25.17
CA GLN B 401 4.59 -12.31 26.03
C GLN B 401 4.90 -11.86 27.46
N GLY B 402 4.08 -10.97 28.00
CA GLY B 402 4.12 -10.61 29.42
C GLY B 402 5.17 -9.58 29.78
N ILE B 403 5.00 -8.95 30.94
CA ILE B 403 5.95 -7.97 31.45
C ILE B 403 6.80 -8.59 32.56
N ALA B 404 8.12 -8.40 32.49
CA ALA B 404 9.04 -8.97 33.47
C ALA B 404 9.02 -8.20 34.80
N LEU B 405 7.87 -8.26 35.48
CA LEU B 405 7.63 -7.49 36.69
C LEU B 405 8.48 -7.93 37.90
N ASP B 406 8.84 -9.21 37.95
CA ASP B 406 9.69 -9.74 39.02
C ASP B 406 11.11 -9.14 39.01
N ARG B 407 11.50 -8.53 37.90
CA ARG B 407 12.76 -7.80 37.84
C ARG B 407 12.56 -6.35 38.27
N PRO B 408 13.21 -5.94 39.39
CA PRO B 408 13.03 -4.64 40.04
C PRO B 408 13.12 -3.41 39.13
N GLN B 409 14.11 -3.37 38.23
CA GLN B 409 14.28 -2.19 37.35
C GLN B 409 13.13 -2.07 36.35
N VAL B 410 12.72 -3.20 35.79
CA VAL B 410 11.59 -3.24 34.84
C VAL B 410 10.33 -2.68 35.48
N ALA B 411 10.01 -3.13 36.69
CA ALA B 411 8.84 -2.65 37.43
C ALA B 411 8.83 -1.13 37.61
N THR B 412 9.98 -0.57 37.94
CA THR B 412 10.16 0.87 38.05
C THR B 412 9.89 1.58 36.71
N GLN B 413 10.52 1.08 35.65
CA GLN B 413 10.42 1.68 34.32
C GLN B 413 9.03 1.56 33.69
N VAL B 414 8.36 0.43 33.93
CA VAL B 414 7.01 0.23 33.41
C VAL B 414 6.00 1.11 34.15
N ARG B 415 6.21 1.28 35.46
CA ARG B 415 5.36 2.15 36.25
C ARG B 415 5.54 3.61 35.82
N GLN B 416 6.80 4.02 35.61
CA GLN B 416 7.11 5.36 35.09
C GLN B 416 6.50 5.57 33.70
N ALA B 417 6.66 4.59 32.81
CA ALA B 417 6.05 4.64 31.48
C ALA B 417 4.55 4.86 31.54
N LEU B 418 3.87 4.17 32.45
CA LEU B 418 2.41 4.34 32.62
C LEU B 418 2.08 5.72 33.19
N ALA B 419 2.89 6.16 34.17
CA ALA B 419 2.73 7.51 34.74
C ALA B 419 2.88 8.59 33.67
N ASP B 420 3.87 8.44 32.79
CA ASP B 420 4.11 9.39 31.69
C ASP B 420 3.01 9.33 30.63
N ALA B 421 2.55 8.12 30.31
CA ALA B 421 1.45 7.94 29.35
C ALA B 421 0.18 8.62 29.88
N ALA B 422 -0.14 8.36 31.15
CA ALA B 422 -1.29 8.98 31.81
C ALA B 422 -1.21 10.51 31.80
N ALA B 423 -0.03 11.04 32.08
CA ALA B 423 0.23 12.49 32.00
C ALA B 423 -0.08 13.05 30.62
N GLU B 424 0.40 12.36 29.58
CA GLU B 424 0.19 12.77 28.19
C GLU B 424 -1.30 12.77 27.81
N VAL B 425 -2.00 11.71 28.21
CA VAL B 425 -3.43 11.58 27.94
C VAL B 425 -4.24 12.67 28.63
N GLU B 426 -3.95 12.90 29.90
CA GLU B 426 -4.70 13.90 30.68
C GLU B 426 -4.33 15.35 30.30
N LYS B 427 -3.15 15.54 29.74
CA LYS B 427 -2.73 16.85 29.25
C LYS B 427 -3.52 17.26 28.01
N SER B 428 -3.88 16.28 27.18
CA SER B 428 -4.65 16.51 25.94
C SER B 428 -6.03 17.11 26.18
N GLY B 429 -6.50 17.04 27.42
CA GLY B 429 -7.71 17.74 27.85
C GLY B 429 -9.05 17.16 27.43
N ILE B 430 -9.03 16.02 26.74
CA ILE B 430 -10.27 15.33 26.34
C ILE B 430 -10.94 14.66 27.56
N PRO B 431 -12.29 14.67 27.63
CA PRO B 431 -12.96 14.14 28.83
C PRO B 431 -12.78 12.62 28.97
N ASP B 432 -13.00 12.09 30.16
CA ASP B 432 -12.88 10.65 30.40
C ASP B 432 -14.11 9.84 29.95
N GLY B 433 -15.28 10.49 29.93
CA GLY B 433 -16.51 9.88 29.42
C GLY B 433 -16.52 9.66 27.90
N ALA B 434 -15.47 10.14 27.23
CA ALA B 434 -15.35 10.05 25.77
C ALA B 434 -14.93 8.65 25.30
N ARG B 435 -15.60 8.17 24.26
CA ARG B 435 -15.33 6.85 23.69
C ARG B 435 -14.48 6.98 22.42
N TRP B 436 -13.83 5.89 22.00
CA TRP B 436 -12.93 5.92 20.84
C TRP B 436 -13.57 6.55 19.60
N GLY B 437 -14.85 6.25 19.37
CA GLY B 437 -15.59 6.77 18.23
C GLY B 437 -15.86 8.27 18.29
N ASP B 438 -15.83 8.84 19.48
CA ASP B 438 -15.89 10.29 19.66
C ASP B 438 -14.58 10.99 19.22
N LEU B 439 -13.48 10.24 19.17
CA LEU B 439 -12.17 10.80 18.87
C LEU B 439 -11.75 10.59 17.41
N GLN B 440 -11.85 9.36 16.94
CA GLN B 440 -11.42 9.02 15.59
C GLN B 440 -12.56 9.15 14.57
N VAL B 441 -12.35 10.02 13.59
CA VAL B 441 -13.38 10.39 12.63
C VAL B 441 -12.84 10.53 11.19
N SER B 442 -13.76 10.57 10.22
CA SER B 442 -13.44 11.00 8.86
C SER B 442 -14.35 12.17 8.51
N THR B 443 -13.73 13.32 8.18
CA THR B 443 -14.48 14.53 7.86
C THR B 443 -15.11 14.39 6.48
N ARG B 444 -16.37 14.76 6.39
CA ARG B 444 -17.09 14.78 5.11
C ARG B 444 -17.83 16.12 5.09
N GLY B 445 -17.34 17.05 4.28
CA GLY B 445 -17.84 18.42 4.28
C GLY B 445 -17.58 19.09 5.62
N GLN B 446 -18.65 19.57 6.26
CA GLN B 446 -18.56 20.18 7.60
C GLN B 446 -18.86 19.16 8.69
N GLU B 447 -19.22 17.95 8.25
CA GLU B 447 -19.64 16.87 9.14
C GLU B 447 -18.50 15.90 9.43
N ARG B 448 -18.69 15.08 10.45
CA ARG B 448 -17.72 14.03 10.80
C ARG B 448 -18.45 12.71 10.99
N ILE B 449 -17.79 11.63 10.58
CA ILE B 449 -18.30 10.29 10.76
C ILE B 449 -17.34 9.50 11.63
N ALA B 450 -17.86 8.89 12.69
CA ALA B 450 -17.04 8.07 13.61
C ALA B 450 -16.49 6.81 12.89
N ILE B 451 -15.21 6.53 13.08
CA ILE B 451 -14.56 5.42 12.37
C ILE B 451 -13.96 4.40 13.34
N PRO B 452 -14.38 3.14 13.25
CA PRO B 452 -13.83 2.09 14.12
C PRO B 452 -12.53 1.52 13.55
N GLY B 453 -11.69 0.98 14.45
CA GLY B 453 -10.39 0.46 14.09
C GLY B 453 -9.27 1.23 14.74
N GLY B 454 -8.05 0.71 14.58
CA GLY B 454 -6.89 1.28 15.23
C GLY B 454 -5.62 0.86 14.57
N ASP B 455 -4.50 1.41 15.02
CA ASP B 455 -3.25 1.18 14.30
C ASP B 455 -2.85 -0.30 14.27
N GLY B 456 -2.46 -0.75 13.09
CA GLY B 456 -1.98 -2.11 12.88
C GLY B 456 -0.84 -2.54 13.78
N HIS B 457 -0.02 -1.58 14.20
CA HIS B 457 1.12 -1.87 15.10
C HIS B 457 0.67 -2.30 16.51
N PHE B 458 -0.59 -2.01 16.87
CA PHE B 458 -1.18 -2.51 18.14
C PHE B 458 -1.96 -3.84 17.94
N GLY B 459 -1.80 -4.46 16.78
CA GLY B 459 -2.47 -5.74 16.46
C GLY B 459 -3.97 -5.64 16.18
N VAL B 460 -4.44 -4.47 15.72
CA VAL B 460 -5.83 -4.36 15.26
C VAL B 460 -5.87 -4.81 13.79
N TYR B 461 -6.56 -5.91 13.51
CA TYR B 461 -6.63 -6.43 12.14
C TYR B 461 -7.25 -5.37 11.22
N ASN B 462 -8.32 -4.72 11.70
CA ASN B 462 -8.90 -3.57 11.01
C ASN B 462 -8.03 -2.34 11.27
N ALA B 463 -6.93 -2.24 10.53
CA ALA B 463 -5.93 -1.19 10.80
C ALA B 463 -6.40 0.15 10.26
N ILE B 464 -6.34 1.17 11.11
CA ILE B 464 -6.74 2.50 10.74
C ILE B 464 -5.67 3.40 11.30
N GLN B 465 -5.11 4.25 10.45
CA GLN B 465 -4.12 5.23 10.84
C GLN B 465 -4.78 6.61 10.86
N SER B 466 -4.58 7.35 11.96
CA SER B 466 -5.12 8.69 12.07
C SER B 466 -4.13 9.69 12.68
N VAL B 467 -4.40 10.98 12.46
CA VAL B 467 -3.55 12.07 12.95
C VAL B 467 -4.39 13.17 13.59
N ARG B 468 -3.83 13.88 14.55
CA ARG B 468 -4.53 15.01 15.17
C ARG B 468 -4.80 16.14 14.16
N LYS B 469 -6.08 16.46 13.97
CA LYS B 469 -6.49 17.63 13.19
C LYS B 469 -7.68 18.31 13.88
N GLY B 470 -7.46 19.52 14.37
CA GLY B 470 -8.42 20.18 15.25
C GLY B 470 -8.51 19.41 16.56
N ASP B 471 -9.74 19.08 16.97
CA ASP B 471 -9.98 18.42 18.25
C ASP B 471 -10.13 16.90 18.12
N HIS B 472 -9.93 16.38 16.92
CA HIS B 472 -10.17 14.97 16.64
C HIS B 472 -8.95 14.27 16.02
N LEU B 473 -9.04 12.96 15.90
CA LEU B 473 -8.09 12.16 15.13
C LEU B 473 -8.70 11.90 13.74
N GLU B 474 -8.07 12.46 12.71
CA GLU B 474 -8.57 12.37 11.35
C GLU B 474 -7.95 11.16 10.63
N VAL B 475 -8.80 10.27 10.14
CA VAL B 475 -8.34 9.05 9.45
C VAL B 475 -7.60 9.43 8.15
N VAL B 476 -6.42 8.85 7.94
CA VAL B 476 -5.65 9.12 6.71
C VAL B 476 -5.45 7.87 5.85
N GLY B 477 -5.52 6.70 6.48
CA GLY B 477 -5.25 5.45 5.78
C GLY B 477 -5.66 4.22 6.57
N GLY B 478 -5.67 3.06 5.91
CA GLY B 478 -6.02 1.81 6.55
C GLY B 478 -6.98 1.01 5.69
N THR B 479 -7.78 0.19 6.36
CA THR B 479 -8.89 -0.51 5.72
C THR B 479 -9.58 0.38 4.68
N SER B 480 -9.73 -0.16 3.48
CA SER B 480 -10.01 0.65 2.30
C SER B 480 -11.03 -0.12 1.48
N TYR B 481 -10.58 -0.91 0.53
CA TYR B 481 -11.50 -1.80 -0.21
C TYR B 481 -11.53 -3.10 0.56
N ILE B 482 -12.72 -3.54 0.96
CA ILE B 482 -12.91 -4.82 1.64
C ILE B 482 -13.65 -5.77 0.71
N GLN B 483 -13.11 -6.98 0.55
CA GLN B 483 -13.75 -8.00 -0.26
C GLN B 483 -13.60 -9.39 0.36
N LEU B 484 -14.74 -10.03 0.59
CA LEU B 484 -14.83 -11.39 1.11
C LEU B 484 -15.60 -12.23 0.08
N VAL B 485 -14.89 -13.15 -0.57
CA VAL B 485 -15.45 -13.94 -1.69
C VAL B 485 -15.56 -15.44 -1.37
N THR B 486 -16.76 -15.99 -1.58
CA THR B 486 -17.01 -17.42 -1.53
C THR B 486 -17.53 -17.84 -2.91
N PHE B 487 -17.66 -19.15 -3.11
CA PHE B 487 -18.09 -19.69 -4.41
C PHE B 487 -19.26 -20.66 -4.29
N PRO B 488 -20.46 -20.15 -3.93
CA PRO B 488 -21.62 -21.06 -3.94
C PRO B 488 -22.00 -21.43 -5.38
N GLU B 489 -22.95 -22.35 -5.53
CA GLU B 489 -23.31 -22.92 -6.83
C GLU B 489 -23.64 -21.90 -7.93
N GLU B 490 -24.38 -20.84 -7.55
CA GLU B 490 -24.88 -19.84 -8.51
C GLU B 490 -23.82 -18.91 -9.11
N GLY B 491 -22.65 -18.82 -8.49
CA GLY B 491 -21.61 -17.87 -8.92
C GLY B 491 -20.89 -17.31 -7.71
N PRO B 492 -19.88 -16.46 -7.92
CA PRO B 492 -19.15 -15.98 -6.75
C PRO B 492 -20.02 -15.08 -5.88
N LYS B 493 -19.94 -15.26 -4.58
CA LYS B 493 -20.62 -14.36 -3.66
C LYS B 493 -19.55 -13.47 -3.05
N ALA B 494 -19.62 -12.18 -3.36
CA ALA B 494 -18.68 -11.21 -2.82
C ALA B 494 -19.40 -10.23 -1.89
N ARG B 495 -18.76 -9.96 -0.77
CA ARG B 495 -19.31 -9.12 0.28
C ARG B 495 -18.22 -8.16 0.76
N GLY B 496 -18.57 -6.89 0.96
CA GLY B 496 -17.61 -5.90 1.41
C GLY B 496 -18.09 -4.47 1.32
N LEU B 497 -17.12 -3.56 1.19
CA LEU B 497 -17.35 -2.12 1.15
C LEU B 497 -16.09 -1.44 0.65
N LEU B 498 -16.25 -0.21 0.17
CA LEU B 498 -15.13 0.69 0.00
C LEU B 498 -15.27 1.71 1.14
N ALA B 499 -14.41 1.60 2.15
CA ALA B 499 -14.61 2.35 3.40
C ALA B 499 -14.85 3.86 3.24
N PHE B 500 -14.10 4.49 2.34
CA PHE B 500 -14.17 5.94 2.16
C PHE B 500 -15.14 6.37 1.05
N SER B 501 -15.85 5.41 0.46
CA SER B 501 -16.84 5.67 -0.62
C SER B 501 -16.22 5.93 -2.01
N GLN B 502 -17.03 5.79 -3.06
CA GLN B 502 -16.52 5.85 -4.43
C GLN B 502 -15.90 7.18 -4.82
N SER B 503 -16.47 8.28 -4.34
CA SER B 503 -16.10 9.60 -4.83
C SER B 503 -15.38 10.41 -3.78
N SER B 504 -14.28 11.02 -4.18
CA SER B 504 -13.57 12.02 -3.36
C SER B 504 -14.17 13.45 -3.45
N ASP B 505 -15.20 13.61 -4.27
CA ASP B 505 -15.80 14.92 -4.46
C ASP B 505 -17.02 15.11 -3.54
N PRO B 506 -17.00 16.18 -2.71
CA PRO B 506 -18.10 16.49 -1.79
C PRO B 506 -19.47 16.63 -2.46
N ARG B 507 -19.49 16.96 -3.74
CA ARG B 507 -20.74 17.14 -4.48
C ARG B 507 -21.41 15.83 -4.86
N SER B 508 -20.64 14.74 -4.90
CA SER B 508 -21.17 13.44 -5.33
C SER B 508 -22.14 12.79 -4.34
N PRO B 509 -23.19 12.13 -4.86
CA PRO B 509 -24.05 11.28 -4.04
C PRO B 509 -23.29 10.11 -3.40
N HIS B 510 -22.07 9.85 -3.88
CA HIS B 510 -21.26 8.72 -3.41
C HIS B 510 -19.99 9.17 -2.69
N TYR B 511 -20.10 10.30 -1.99
CA TYR B 511 -19.01 10.89 -1.22
C TYR B 511 -18.88 10.28 0.17
N ARG B 512 -20.01 9.86 0.77
CA ARG B 512 -20.00 9.36 2.14
C ARG B 512 -20.96 8.20 2.37
N ASP B 513 -21.58 7.66 1.32
CA ASP B 513 -22.63 6.65 1.55
C ASP B 513 -22.07 5.34 2.15
N GLN B 514 -20.93 4.86 1.64
CA GLN B 514 -20.33 3.64 2.18
C GLN B 514 -19.56 3.88 3.49
N THR B 515 -19.19 5.14 3.72
CA THR B 515 -18.50 5.53 4.95
C THR B 515 -19.43 5.47 6.14
N GLU B 516 -20.69 5.88 5.94
CA GLU B 516 -21.73 5.69 6.94
C GLU B 516 -21.88 4.20 7.27
N LEU B 517 -21.89 3.35 6.25
CA LEU B 517 -21.97 1.90 6.42
C LEU B 517 -20.72 1.30 7.09
N PHE B 518 -19.54 1.81 6.73
CA PHE B 518 -18.29 1.34 7.33
C PHE B 518 -18.27 1.65 8.81
N SER B 519 -18.76 2.84 9.16
CA SER B 519 -18.87 3.26 10.54
C SER B 519 -19.69 2.24 11.35
N ARG B 520 -20.81 1.78 10.78
CA ARG B 520 -21.71 0.80 11.42
C ARG B 520 -21.26 -0.64 11.18
N GLN B 521 -20.20 -0.81 10.39
CA GLN B 521 -19.64 -2.11 10.05
C GLN B 521 -20.65 -3.04 9.36
N GLN B 522 -21.38 -2.47 8.40
CA GLN B 522 -22.42 -3.20 7.67
C GLN B 522 -22.00 -3.41 6.20
N TRP B 523 -21.35 -4.55 5.94
CA TRP B 523 -20.82 -4.89 4.61
C TRP B 523 -21.98 -5.26 3.70
N GLN B 524 -21.78 -5.13 2.39
CA GLN B 524 -22.86 -5.25 1.43
C GLN B 524 -22.46 -6.21 0.34
N THR B 525 -23.45 -6.73 -0.37
CA THR B 525 -23.22 -7.50 -1.59
C THR B 525 -22.47 -6.65 -2.59
N LEU B 526 -21.49 -7.26 -3.25
CA LEU B 526 -20.86 -6.70 -4.43
C LEU B 526 -21.44 -7.47 -5.62
N PRO B 527 -22.43 -6.87 -6.30
CA PRO B 527 -23.19 -7.58 -7.36
C PRO B 527 -22.31 -7.83 -8.59
N PHE B 528 -22.24 -9.09 -9.02
CA PHE B 528 -21.34 -9.48 -10.11
C PHE B 528 -22.07 -10.11 -11.30
N SER B 529 -23.06 -10.96 -11.04
CA SER B 529 -23.82 -11.59 -12.10
C SER B 529 -24.85 -10.62 -12.67
N ASP B 530 -25.28 -10.84 -13.92
CA ASP B 530 -26.34 -10.02 -14.50
C ASP B 530 -27.60 -10.06 -13.62
N ARG B 531 -27.94 -11.24 -13.10
CA ARG B 531 -29.06 -11.38 -12.17
C ARG B 531 -28.93 -10.46 -10.94
N GLN B 532 -27.80 -10.52 -10.23
CA GLN B 532 -27.54 -9.67 -9.06
C GLN B 532 -27.63 -8.18 -9.46
N ILE B 533 -26.99 -7.81 -10.57
CA ILE B 533 -26.97 -6.44 -11.06
C ILE B 533 -28.40 -5.97 -11.37
N ASP B 534 -29.14 -6.81 -12.09
CA ASP B 534 -30.53 -6.51 -12.44
C ASP B 534 -31.47 -6.38 -11.23
N ALA B 535 -31.20 -7.13 -10.17
CA ALA B 535 -32.01 -7.08 -8.94
C ALA B 535 -31.87 -5.75 -8.15
N ASP B 536 -30.81 -4.98 -8.43
CA ASP B 536 -30.55 -3.72 -7.71
C ASP B 536 -31.55 -2.61 -8.05
N PRO B 537 -32.37 -2.19 -7.06
CA PRO B 537 -33.38 -1.13 -7.31
C PRO B 537 -32.79 0.25 -7.65
N GLN B 538 -31.50 0.44 -7.37
CA GLN B 538 -30.79 1.68 -7.70
C GLN B 538 -30.16 1.66 -9.11
N LEU B 539 -30.42 0.60 -9.86
CA LEU B 539 -29.75 0.39 -11.16
C LEU B 539 -29.95 1.56 -12.10
N GLN B 540 -28.84 2.08 -12.63
CA GLN B 540 -28.86 3.11 -13.68
C GLN B 540 -27.97 2.67 -14.84
N ARG B 541 -28.32 3.09 -16.05
CA ARG B 541 -27.61 2.62 -17.26
C ARG B 541 -27.40 3.78 -18.21
N LEU B 542 -26.20 3.84 -18.78
CA LEU B 542 -25.86 4.81 -19.81
C LEU B 542 -24.96 4.12 -20.81
N SER B 543 -25.27 4.30 -22.09
CA SER B 543 -24.39 3.84 -23.16
C SER B 543 -23.78 5.07 -23.82
N ILE B 544 -22.48 5.06 -24.05
CA ILE B 544 -21.79 6.23 -24.63
C ILE B 544 -20.97 5.82 -25.85
N ARG B 545 -20.79 6.76 -26.78
CA ARG B 545 -19.90 6.54 -27.93
C ARG B 545 -19.39 7.86 -28.52
N GLU B 546 -18.26 7.78 -29.22
CA GLU B 546 -17.77 8.90 -30.04
C GLU B 546 -16.84 8.39 -31.14
C1 GOL C . 8.31 16.54 4.36
O1 GOL C . 9.57 16.46 5.04
C2 GOL C . 8.52 16.16 2.89
O2 GOL C . 9.24 14.92 2.85
C3 GOL C . 9.28 17.29 2.18
O3 GOL C . 9.24 17.14 0.75
C1 GOL D . 5.28 0.45 -1.43
O1 GOL D . 4.25 1.23 -0.84
C2 GOL D . 5.98 -0.33 -0.32
O2 GOL D . 6.52 0.59 0.63
C3 GOL D . 7.07 -1.22 -0.91
O3 GOL D . 8.15 -1.47 0.01
C1 GOL E . 13.99 8.29 -15.49
O1 GOL E . 13.03 7.25 -15.24
C2 GOL E . 15.03 7.80 -16.47
O2 GOL E . 15.24 6.40 -16.29
C3 GOL E . 16.34 8.53 -16.24
O3 GOL E . 17.09 7.88 -15.20
C1 GOL F . -11.60 -13.85 -16.41
O1 GOL F . -11.92 -12.49 -16.71
C2 GOL F . -12.68 -14.81 -16.92
O2 GOL F . -12.51 -16.05 -16.22
C3 GOL F . -12.50 -15.03 -18.42
O3 GOL F . -13.76 -14.88 -19.09
C1 GOL G . 12.44 -7.55 6.78
O1 GOL G . 11.45 -6.64 7.29
C2 GOL G . 11.74 -8.84 6.35
O2 GOL G . 11.25 -9.54 7.49
C3 GOL G . 12.68 -9.73 5.56
O3 GOL G . 11.96 -10.60 4.67
#